data_2YTA
#
_entry.id   2YTA
#
loop_
_entity.id
_entity.type
_entity.pdbx_description
1 polymer 'Zinc finger protein 32'
2 non-polymer 'ZINC ION'
#
_entity_poly.entity_id   1
_entity_poly.type   'polypeptide(L)'
_entity_poly.pdbx_seq_one_letter_code
;GSSGSSGEKPYQCKECGKSFSQRGSLAVHERLHTGSGPSSG
;
_entity_poly.pdbx_strand_id   A
#
# COMPACT_ATOMS: atom_id res chain seq x y z
N GLY A 1 -7.66 -26.87 5.35
CA GLY A 1 -8.76 -26.17 5.98
C GLY A 1 -8.31 -24.91 6.71
N SER A 2 -8.82 -23.77 6.28
CA SER A 2 -8.47 -22.49 6.88
C SER A 2 -9.39 -22.17 8.05
N SER A 3 -8.86 -21.43 9.03
CA SER A 3 -9.63 -21.05 10.20
C SER A 3 -9.21 -19.69 10.71
N GLY A 4 -9.51 -18.65 9.94
CA GLY A 4 -9.16 -17.30 10.32
C GLY A 4 -9.75 -16.26 9.39
N SER A 5 -10.38 -15.23 9.97
CA SER A 5 -10.99 -14.17 9.18
C SER A 5 -10.00 -13.05 8.91
N SER A 6 -10.32 -12.21 7.94
CA SER A 6 -9.44 -11.10 7.57
C SER A 6 -10.04 -9.77 8.02
N GLY A 7 -9.21 -8.94 8.65
CA GLY A 7 -9.67 -7.65 9.13
C GLY A 7 -9.24 -6.51 8.22
N GLU A 8 -9.85 -5.34 8.40
CA GLU A 8 -9.53 -4.18 7.60
C GLU A 8 -8.49 -3.30 8.31
N LYS A 9 -7.89 -2.39 7.55
CA LYS A 9 -6.88 -1.49 8.10
C LYS A 9 -7.37 -0.05 8.08
N PRO A 10 -6.80 0.78 8.96
CA PRO A 10 -7.17 2.20 9.06
C PRO A 10 -6.70 3.01 7.86
N TYR A 11 -5.81 2.41 7.07
CA TYR A 11 -5.29 3.08 5.88
C TYR A 11 -5.38 2.18 4.65
N GLN A 12 -5.55 2.78 3.48
CA GLN A 12 -5.65 2.03 2.24
C GLN A 12 -5.21 2.88 1.06
N CYS A 13 -4.29 2.33 0.26
CA CYS A 13 -3.78 3.04 -0.92
C CYS A 13 -4.86 3.18 -1.97
N LYS A 14 -4.94 4.36 -2.57
CA LYS A 14 -5.93 4.63 -3.61
C LYS A 14 -5.29 4.62 -5.00
N GLU A 15 -4.20 3.86 -5.13
CA GLU A 15 -3.49 3.76 -6.40
C GLU A 15 -3.44 2.31 -6.88
N CYS A 16 -3.34 1.38 -5.92
CA CYS A 16 -3.27 -0.03 -6.24
C CYS A 16 -4.28 -0.83 -5.42
N GLY A 17 -4.47 -0.43 -4.16
CA GLY A 17 -5.41 -1.11 -3.30
C GLY A 17 -4.75 -1.68 -2.07
N LYS A 18 -3.55 -1.21 -1.76
CA LYS A 18 -2.81 -1.69 -0.60
C LYS A 18 -3.43 -1.17 0.69
N SER A 19 -2.88 -1.61 1.83
CA SER A 19 -3.38 -1.21 3.13
C SER A 19 -2.28 -1.26 4.18
N PHE A 20 -2.19 -0.22 5.00
CA PHE A 20 -1.18 -0.16 6.05
C PHE A 20 -1.81 0.15 7.40
N SER A 21 -1.06 -0.08 8.47
CA SER A 21 -1.55 0.16 9.82
C SER A 21 -0.84 1.35 10.45
N GLN A 22 -0.27 2.21 9.61
CA GLN A 22 0.44 3.39 10.08
C GLN A 22 0.38 4.51 9.05
N ARG A 23 -0.06 5.69 9.50
CA ARG A 23 -0.17 6.85 8.62
C ARG A 23 1.15 7.10 7.89
N GLY A 24 2.26 6.89 8.59
CA GLY A 24 3.56 7.11 8.00
C GLY A 24 3.93 6.03 7.00
N SER A 25 3.60 4.78 7.33
CA SER A 25 3.90 3.65 6.45
C SER A 25 3.21 3.82 5.10
N LEU A 26 1.92 4.11 5.13
CA LEU A 26 1.14 4.29 3.90
C LEU A 26 1.78 5.35 3.02
N ALA A 27 2.09 6.50 3.60
CA ALA A 27 2.71 7.60 2.86
C ALA A 27 3.93 7.11 2.08
N VAL A 28 4.82 6.38 2.76
CA VAL A 28 6.02 5.86 2.13
C VAL A 28 5.68 5.03 0.90
N HIS A 29 4.50 4.42 0.91
CA HIS A 29 4.05 3.59 -0.20
C HIS A 29 3.27 4.42 -1.22
N GLU A 30 2.84 5.60 -0.80
CA GLU A 30 2.08 6.48 -1.68
C GLU A 30 3.01 7.46 -2.40
N ARG A 31 4.25 7.54 -1.94
CA ARG A 31 5.24 8.43 -2.54
C ARG A 31 6.15 7.66 -3.50
N LEU A 32 6.49 6.43 -3.12
CA LEU A 32 7.36 5.60 -3.95
C LEU A 32 6.64 5.14 -5.21
N HIS A 33 5.32 5.31 -5.22
CA HIS A 33 4.51 4.93 -6.37
C HIS A 33 5.05 5.54 -7.65
N THR A 34 5.63 6.74 -7.54
CA THR A 34 6.18 7.43 -8.69
C THR A 34 7.61 6.98 -8.97
N GLY A 35 7.98 6.99 -10.25
CA GLY A 35 9.32 6.57 -10.63
C GLY A 35 9.33 5.26 -11.40
N SER A 36 10.13 4.31 -10.94
CA SER A 36 10.23 3.00 -11.59
C SER A 36 9.69 1.90 -10.68
N GLY A 37 8.74 2.26 -9.81
CA GLY A 37 8.16 1.30 -8.91
C GLY A 37 6.68 1.53 -8.69
N PRO A 38 5.87 1.28 -9.72
CA PRO A 38 4.41 1.45 -9.66
C PRO A 38 3.74 0.42 -8.76
N SER A 39 4.46 -0.66 -8.46
CA SER A 39 3.93 -1.71 -7.61
C SER A 39 5.02 -2.74 -7.28
N SER A 40 5.47 -3.45 -8.31
CA SER A 40 6.50 -4.47 -8.13
C SER A 40 7.78 -4.07 -8.86
N GLY A 41 7.63 -3.43 -10.02
CA GLY A 41 8.78 -3.01 -10.79
C GLY A 41 9.74 -4.15 -11.09
N GLY A 1 -1.50 -22.17 9.91
CA GLY A 1 -1.96 -20.81 9.69
C GLY A 1 -3.31 -20.53 10.32
N SER A 2 -4.18 -19.85 9.58
CA SER A 2 -5.51 -19.52 10.07
C SER A 2 -6.51 -19.46 8.92
N SER A 3 -7.79 -19.65 9.25
CA SER A 3 -8.84 -19.63 8.26
C SER A 3 -9.92 -18.60 8.62
N GLY A 4 -9.96 -17.51 7.86
CA GLY A 4 -10.94 -16.46 8.13
C GLY A 4 -10.71 -15.76 9.45
N SER A 5 -9.75 -14.84 9.46
CA SER A 5 -9.42 -14.10 10.67
C SER A 5 -8.68 -12.81 10.33
N SER A 6 -9.04 -12.20 9.21
CA SER A 6 -8.40 -10.97 8.76
C SER A 6 -9.44 -9.84 8.64
N GLY A 7 -9.12 -8.70 9.22
CA GLY A 7 -10.02 -7.57 9.16
C GLY A 7 -9.54 -6.49 8.21
N GLU A 8 -9.97 -5.25 8.46
CA GLU A 8 -9.58 -4.13 7.61
C GLU A 8 -8.55 -3.24 8.32
N LYS A 9 -7.89 -2.39 7.55
CA LYS A 9 -6.88 -1.49 8.10
C LYS A 9 -7.37 -0.05 8.08
N PRO A 10 -6.81 0.78 8.97
CA PRO A 10 -7.17 2.20 9.06
C PRO A 10 -6.70 3.01 7.86
N TYR A 11 -5.81 2.41 7.07
CA TYR A 11 -5.29 3.08 5.88
C TYR A 11 -5.38 2.18 4.65
N GLN A 12 -5.54 2.79 3.49
CA GLN A 12 -5.65 2.03 2.24
C GLN A 12 -5.21 2.88 1.06
N CYS A 13 -4.29 2.33 0.26
CA CYS A 13 -3.78 3.04 -0.92
C CYS A 13 -4.86 3.18 -1.97
N LYS A 14 -4.95 4.36 -2.58
CA LYS A 14 -5.93 4.63 -3.61
C LYS A 14 -5.29 4.62 -5.00
N GLU A 15 -4.20 3.86 -5.13
CA GLU A 15 -3.50 3.76 -6.41
C GLU A 15 -3.44 2.31 -6.88
N CYS A 16 -3.34 1.38 -5.92
CA CYS A 16 -3.27 -0.03 -6.24
C CYS A 16 -4.28 -0.83 -5.42
N GLY A 17 -4.47 -0.43 -4.17
CA GLY A 17 -5.41 -1.11 -3.30
C GLY A 17 -4.74 -1.69 -2.07
N LYS A 18 -3.55 -1.21 -1.76
CA LYS A 18 -2.81 -1.69 -0.60
C LYS A 18 -3.43 -1.17 0.69
N SER A 19 -2.88 -1.61 1.83
CA SER A 19 -3.38 -1.21 3.13
C SER A 19 -2.28 -1.26 4.18
N PHE A 20 -2.19 -0.22 5.00
CA PHE A 20 -1.18 -0.16 6.05
C PHE A 20 -1.81 0.15 7.40
N SER A 21 -1.06 -0.08 8.47
CA SER A 21 -1.55 0.16 9.82
C SER A 21 -0.84 1.35 10.45
N GLN A 22 -0.27 2.21 9.61
CA GLN A 22 0.44 3.39 10.08
C GLN A 22 0.38 4.51 9.05
N ARG A 23 -0.06 5.69 9.49
CA ARG A 23 -0.16 6.84 8.61
C ARG A 23 1.16 7.10 7.88
N GLY A 24 2.27 6.89 8.60
CA GLY A 24 3.56 7.11 8.00
C GLY A 24 3.94 6.03 7.00
N SER A 25 3.59 4.79 7.33
CA SER A 25 3.90 3.65 6.45
C SER A 25 3.21 3.82 5.09
N LEU A 26 1.91 4.11 5.12
CA LEU A 26 1.14 4.29 3.90
C LEU A 26 1.77 5.36 3.01
N ALA A 27 2.09 6.50 3.60
CA ALA A 27 2.71 7.60 2.86
C ALA A 27 3.93 7.11 2.08
N VAL A 28 4.82 6.38 2.76
CA VAL A 28 6.02 5.86 2.13
C VAL A 28 5.68 5.03 0.90
N HIS A 29 4.50 4.42 0.91
CA HIS A 29 4.05 3.59 -0.20
C HIS A 29 3.27 4.42 -1.22
N GLU A 30 2.84 5.60 -0.80
CA GLU A 30 2.08 6.48 -1.68
C GLU A 30 3.01 7.46 -2.40
N ARG A 31 4.25 7.54 -1.94
CA ARG A 31 5.24 8.43 -2.54
C ARG A 31 6.15 7.66 -3.50
N LEU A 32 6.49 6.43 -3.12
CA LEU A 32 7.37 5.60 -3.94
C LEU A 32 6.64 5.14 -5.21
N HIS A 33 5.32 5.32 -5.23
CA HIS A 33 4.51 4.93 -6.37
C HIS A 33 5.06 5.54 -7.66
N THR A 34 5.35 6.84 -7.61
CA THR A 34 5.87 7.55 -8.77
C THR A 34 7.23 7.00 -9.18
N GLY A 35 7.36 6.63 -10.45
CA GLY A 35 8.61 6.09 -10.95
C GLY A 35 8.82 4.65 -10.55
N SER A 36 10.08 4.25 -10.39
CA SER A 36 10.41 2.88 -10.02
C SER A 36 10.70 2.78 -8.52
N GLY A 37 11.57 3.66 -8.04
CA GLY A 37 11.92 3.67 -6.63
C GLY A 37 13.28 3.04 -6.37
N PRO A 38 13.57 2.76 -5.09
CA PRO A 38 14.84 2.16 -4.69
C PRO A 38 14.95 0.70 -5.12
N SER A 39 16.05 0.06 -4.72
CA SER A 39 16.28 -1.34 -5.08
C SER A 39 15.10 -2.21 -4.64
N SER A 40 14.95 -2.38 -3.33
CA SER A 40 13.86 -3.19 -2.78
C SER A 40 12.51 -2.58 -3.13
N GLY A 41 12.18 -1.46 -2.48
CA GLY A 41 10.91 -0.80 -2.73
C GLY A 41 9.72 -1.71 -2.47
N GLY A 1 0.63 -21.07 8.09
CA GLY A 1 1.32 -20.79 9.34
C GLY A 1 0.35 -20.52 10.48
N SER A 2 -0.76 -19.86 10.17
CA SER A 2 -1.76 -19.52 11.18
C SER A 2 -3.14 -19.41 10.55
N SER A 3 -3.35 -20.13 9.45
CA SER A 3 -4.64 -20.10 8.75
C SER A 3 -4.97 -18.69 8.29
N GLY A 4 -6.11 -18.55 7.63
CA GLY A 4 -6.53 -17.24 7.14
C GLY A 4 -7.20 -16.41 8.21
N SER A 5 -7.19 -15.09 8.03
CA SER A 5 -7.78 -14.18 8.99
C SER A 5 -8.32 -12.93 8.30
N SER A 6 -9.39 -12.36 8.85
CA SER A 6 -10.00 -11.17 8.28
C SER A 6 -9.74 -9.95 9.17
N GLY A 7 -9.79 -8.77 8.57
CA GLY A 7 -9.56 -7.55 9.32
C GLY A 7 -9.10 -6.40 8.44
N GLU A 8 -9.88 -5.33 8.42
CA GLU A 8 -9.55 -4.16 7.61
C GLU A 8 -8.51 -3.29 8.31
N LYS A 9 -7.89 -2.38 7.55
CA LYS A 9 -6.89 -1.49 8.10
C LYS A 9 -7.37 -0.05 8.08
N PRO A 10 -6.81 0.78 8.97
CA PRO A 10 -7.16 2.20 9.08
C PRO A 10 -6.69 3.01 7.86
N TYR A 11 -5.81 2.41 7.07
CA TYR A 11 -5.29 3.08 5.88
C TYR A 11 -5.38 2.17 4.66
N GLN A 12 -5.55 2.78 3.49
CA GLN A 12 -5.67 2.03 2.25
C GLN A 12 -5.22 2.88 1.06
N CYS A 13 -4.30 2.33 0.26
CA CYS A 13 -3.79 3.04 -0.90
C CYS A 13 -4.87 3.18 -1.98
N LYS A 14 -4.95 4.36 -2.58
CA LYS A 14 -5.94 4.63 -3.62
C LYS A 14 -5.30 4.61 -5.00
N GLU A 15 -4.21 3.86 -5.13
CA GLU A 15 -3.50 3.76 -6.41
C GLU A 15 -3.44 2.31 -6.88
N CYS A 16 -3.34 1.38 -5.92
CA CYS A 16 -3.27 -0.03 -6.24
C CYS A 16 -4.29 -0.83 -5.43
N GLY A 17 -4.47 -0.43 -4.17
CA GLY A 17 -5.41 -1.11 -3.30
C GLY A 17 -4.75 -1.69 -2.08
N LYS A 18 -3.55 -1.21 -1.76
CA LYS A 18 -2.80 -1.69 -0.60
C LYS A 18 -3.43 -1.17 0.69
N SER A 19 -2.88 -1.61 1.83
CA SER A 19 -3.38 -1.20 3.12
C SER A 19 -2.28 -1.27 4.17
N PHE A 20 -2.19 -0.22 5.00
CA PHE A 20 -1.18 -0.16 6.05
C PHE A 20 -1.82 0.15 7.40
N SER A 21 -1.06 -0.08 8.47
CA SER A 21 -1.56 0.16 9.81
C SER A 21 -0.84 1.36 10.45
N GLN A 22 -0.27 2.21 9.61
CA GLN A 22 0.44 3.39 10.08
C GLN A 22 0.38 4.51 9.05
N ARG A 23 -0.06 5.69 9.49
CA ARG A 23 -0.15 6.84 8.60
C ARG A 23 1.16 7.09 7.88
N GLY A 24 2.28 6.90 8.60
CA GLY A 24 3.57 7.12 8.00
C GLY A 24 3.95 6.04 7.01
N SER A 25 3.59 4.79 7.32
CA SER A 25 3.89 3.66 6.46
C SER A 25 3.21 3.82 5.10
N LEU A 26 1.92 4.11 5.14
CA LEU A 26 1.15 4.29 3.91
C LEU A 26 1.78 5.36 3.01
N ALA A 27 2.09 6.50 3.60
CA ALA A 27 2.71 7.60 2.86
C ALA A 27 3.93 7.11 2.08
N VAL A 28 4.82 6.38 2.76
CA VAL A 28 6.02 5.86 2.13
C VAL A 28 5.68 5.02 0.90
N HIS A 29 4.50 4.42 0.92
CA HIS A 29 4.05 3.59 -0.20
C HIS A 29 3.27 4.42 -1.22
N GLU A 30 2.84 5.60 -0.80
CA GLU A 30 2.08 6.49 -1.67
C GLU A 30 3.01 7.46 -2.40
N ARG A 31 4.25 7.54 -1.94
CA ARG A 31 5.24 8.43 -2.54
C ARG A 31 6.15 7.66 -3.49
N LEU A 32 6.49 6.43 -3.12
CA LEU A 32 7.37 5.60 -3.94
C LEU A 32 6.64 5.14 -5.21
N HIS A 33 5.33 5.32 -5.22
CA HIS A 33 4.51 4.93 -6.37
C HIS A 33 5.06 5.55 -7.65
N THR A 34 5.37 6.84 -7.59
CA THR A 34 5.90 7.55 -8.76
C THR A 34 7.27 7.01 -9.16
N GLY A 35 7.49 6.89 -10.46
CA GLY A 35 8.77 6.39 -10.95
C GLY A 35 8.65 4.99 -11.50
N SER A 36 7.74 4.79 -12.45
CA SER A 36 7.52 3.48 -13.06
C SER A 36 7.16 2.45 -12.00
N GLY A 37 7.10 1.18 -12.42
CA GLY A 37 6.76 0.11 -11.49
C GLY A 37 5.96 -0.99 -12.15
N PRO A 38 5.81 -2.12 -11.44
CA PRO A 38 5.06 -3.28 -11.95
C PRO A 38 3.57 -3.01 -12.05
N SER A 39 2.84 -3.95 -12.65
CA SER A 39 1.41 -3.82 -12.81
C SER A 39 0.73 -3.51 -11.47
N SER A 40 1.06 -4.32 -10.46
CA SER A 40 0.48 -4.14 -9.14
C SER A 40 1.10 -2.94 -8.43
N GLY A 41 2.40 -3.00 -8.19
CA GLY A 41 3.09 -1.91 -7.53
C GLY A 41 2.54 -1.64 -6.15
N GLY A 1 -4.97 -21.45 -1.33
CA GLY A 1 -4.48 -22.05 -0.10
C GLY A 1 -4.30 -21.04 1.02
N SER A 2 -3.21 -21.18 1.76
CA SER A 2 -2.92 -20.28 2.87
C SER A 2 -2.59 -18.87 2.36
N SER A 3 -3.55 -17.96 2.50
CA SER A 3 -3.36 -16.58 2.04
C SER A 3 -3.41 -15.62 3.22
N GLY A 4 -4.26 -15.91 4.19
CA GLY A 4 -4.39 -15.06 5.36
C GLY A 4 -5.07 -13.74 5.04
N SER A 5 -4.55 -12.66 5.62
CA SER A 5 -5.12 -11.33 5.40
C SER A 5 -6.58 -11.29 5.83
N SER A 6 -6.81 -11.34 7.15
CA SER A 6 -8.15 -11.30 7.69
C SER A 6 -8.37 -10.05 8.53
N GLY A 7 -9.13 -9.11 7.99
CA GLY A 7 -9.40 -7.86 8.71
C GLY A 7 -9.11 -6.63 7.87
N GLU A 8 -9.65 -5.50 8.29
CA GLU A 8 -9.45 -4.24 7.58
C GLU A 8 -8.41 -3.38 8.27
N LYS A 9 -7.88 -2.40 7.55
CA LYS A 9 -6.87 -1.50 8.10
C LYS A 9 -7.37 -0.05 8.08
N PRO A 10 -6.80 0.78 8.96
CA PRO A 10 -7.17 2.20 9.06
C PRO A 10 -6.70 3.00 7.86
N TYR A 11 -5.81 2.41 7.07
CA TYR A 11 -5.28 3.07 5.88
C TYR A 11 -5.38 2.17 4.66
N GLN A 12 -5.54 2.78 3.49
CA GLN A 12 -5.65 2.03 2.24
C GLN A 12 -5.21 2.88 1.06
N CYS A 13 -4.29 2.34 0.25
CA CYS A 13 -3.78 3.04 -0.92
C CYS A 13 -4.86 3.19 -1.98
N LYS A 14 -4.94 4.37 -2.58
CA LYS A 14 -5.93 4.63 -3.61
C LYS A 14 -5.29 4.62 -5.00
N GLU A 15 -4.20 3.87 -5.13
CA GLU A 15 -3.49 3.76 -6.40
C GLU A 15 -3.44 2.31 -6.88
N CYS A 16 -3.33 1.39 -5.93
CA CYS A 16 -3.27 -0.03 -6.24
C CYS A 16 -4.29 -0.82 -5.42
N GLY A 17 -4.47 -0.42 -4.17
CA GLY A 17 -5.41 -1.10 -3.30
C GLY A 17 -4.75 -1.68 -2.07
N LYS A 18 -3.55 -1.21 -1.76
CA LYS A 18 -2.81 -1.69 -0.60
C LYS A 18 -3.43 -1.17 0.69
N SER A 19 -2.88 -1.61 1.83
CA SER A 19 -3.38 -1.21 3.13
C SER A 19 -2.28 -1.27 4.17
N PHE A 20 -2.19 -0.23 5.01
CA PHE A 20 -1.18 -0.16 6.05
C PHE A 20 -1.81 0.14 7.40
N SER A 21 -1.06 -0.09 8.47
CA SER A 21 -1.55 0.16 9.82
C SER A 21 -0.82 1.35 10.45
N GLN A 22 -0.27 2.21 9.61
CA GLN A 22 0.45 3.38 10.08
C GLN A 22 0.39 4.51 9.06
N ARG A 23 -0.06 5.69 9.49
CA ARG A 23 -0.17 6.84 8.60
C ARG A 23 1.15 7.09 7.88
N GLY A 24 2.26 6.91 8.60
CA GLY A 24 3.56 7.12 8.01
C GLY A 24 3.93 6.04 7.01
N SER A 25 3.59 4.80 7.33
CA SER A 25 3.89 3.68 6.45
C SER A 25 3.21 3.84 5.10
N LEU A 26 1.91 4.11 5.12
CA LEU A 26 1.14 4.29 3.90
C LEU A 26 1.77 5.35 3.01
N ALA A 27 2.09 6.49 3.60
CA ALA A 27 2.70 7.59 2.86
C ALA A 27 3.92 7.10 2.08
N VAL A 28 4.81 6.38 2.76
CA VAL A 28 6.01 5.86 2.12
C VAL A 28 5.68 5.02 0.90
N HIS A 29 4.49 4.41 0.91
CA HIS A 29 4.05 3.59 -0.20
C HIS A 29 3.28 4.41 -1.22
N GLU A 30 2.84 5.60 -0.80
CA GLU A 30 2.08 6.48 -1.68
C GLU A 30 3.00 7.45 -2.40
N ARG A 31 4.25 7.53 -1.93
CA ARG A 31 5.23 8.41 -2.54
C ARG A 31 6.15 7.66 -3.49
N LEU A 32 6.49 6.43 -3.12
CA LEU A 32 7.37 5.60 -3.94
C LEU A 32 6.64 5.14 -5.20
N HIS A 33 5.32 5.31 -5.22
CA HIS A 33 4.52 4.91 -6.37
C HIS A 33 5.06 5.54 -7.65
N THR A 34 5.36 6.83 -7.60
CA THR A 34 5.88 7.54 -8.76
C THR A 34 7.22 6.94 -9.21
N GLY A 35 7.48 6.98 -10.51
CA GLY A 35 8.72 6.44 -11.04
C GLY A 35 8.50 5.19 -11.87
N SER A 36 7.82 4.21 -11.29
CA SER A 36 7.55 2.95 -11.99
C SER A 36 8.86 2.24 -12.34
N GLY A 37 8.74 1.02 -12.83
CA GLY A 37 9.91 0.24 -13.21
C GLY A 37 10.70 -0.23 -12.00
N PRO A 38 11.91 -0.76 -12.24
CA PRO A 38 12.78 -1.27 -11.18
C PRO A 38 13.35 -0.15 -10.32
N SER A 39 14.15 -0.53 -9.33
CA SER A 39 14.76 0.44 -8.42
C SER A 39 15.56 1.49 -9.19
N SER A 40 16.64 1.03 -9.81
CA SER A 40 17.51 1.91 -10.58
C SER A 40 16.78 2.47 -11.81
N GLY A 41 16.48 1.59 -12.76
CA GLY A 41 15.79 2.01 -13.96
C GLY A 41 16.52 3.12 -14.70
N GLY A 1 -11.57 -23.91 1.98
CA GLY A 1 -10.18 -24.32 2.04
C GLY A 1 -9.23 -23.19 1.71
N SER A 2 -9.64 -21.96 2.01
CA SER A 2 -8.82 -20.80 1.73
C SER A 2 -8.79 -19.85 2.94
N SER A 3 -7.68 -19.86 3.65
CA SER A 3 -7.53 -19.01 4.83
C SER A 3 -6.37 -18.04 4.66
N GLY A 4 -6.58 -16.78 5.04
CA GLY A 4 -5.53 -15.79 4.92
C GLY A 4 -5.81 -14.56 5.77
N SER A 5 -5.50 -13.38 5.23
CA SER A 5 -5.72 -12.13 5.95
C SER A 5 -7.20 -11.85 6.12
N SER A 6 -7.62 -11.66 7.37
CA SER A 6 -9.02 -11.38 7.67
C SER A 6 -9.14 -10.18 8.62
N GLY A 7 -9.01 -8.99 8.07
CA GLY A 7 -9.11 -7.79 8.88
C GLY A 7 -8.80 -6.53 8.09
N GLU A 8 -9.64 -5.51 8.27
CA GLU A 8 -9.45 -4.23 7.57
C GLU A 8 -8.41 -3.38 8.27
N LYS A 9 -7.88 -2.39 7.54
CA LYS A 9 -6.87 -1.50 8.10
C LYS A 9 -7.36 -0.06 8.07
N PRO A 10 -6.79 0.78 8.96
CA PRO A 10 -7.15 2.19 9.06
C PRO A 10 -6.69 3.00 7.86
N TYR A 11 -5.81 2.41 7.06
CA TYR A 11 -5.28 3.07 5.88
C TYR A 11 -5.38 2.16 4.65
N GLN A 12 -5.55 2.78 3.49
CA GLN A 12 -5.66 2.02 2.24
C GLN A 12 -5.21 2.87 1.05
N CYS A 13 -4.29 2.33 0.26
CA CYS A 13 -3.79 3.04 -0.91
C CYS A 13 -4.86 3.18 -1.97
N LYS A 14 -4.94 4.37 -2.58
CA LYS A 14 -5.93 4.63 -3.61
C LYS A 14 -5.29 4.62 -5.00
N GLU A 15 -4.21 3.86 -5.13
CA GLU A 15 -3.50 3.76 -6.41
C GLU A 15 -3.44 2.31 -6.88
N CYS A 16 -3.34 1.38 -5.92
CA CYS A 16 -3.27 -0.03 -6.24
C CYS A 16 -4.28 -0.83 -5.42
N GLY A 17 -4.47 -0.43 -4.16
CA GLY A 17 -5.41 -1.10 -3.30
C GLY A 17 -4.75 -1.69 -2.07
N LYS A 18 -3.55 -1.21 -1.76
CA LYS A 18 -2.81 -1.69 -0.60
C LYS A 18 -3.43 -1.17 0.69
N SER A 19 -2.88 -1.61 1.83
CA SER A 19 -3.38 -1.20 3.12
C SER A 19 -2.28 -1.26 4.18
N PHE A 20 -2.19 -0.22 5.00
CA PHE A 20 -1.18 -0.16 6.05
C PHE A 20 -1.81 0.15 7.40
N SER A 21 -1.06 -0.08 8.47
CA SER A 21 -1.55 0.16 9.82
C SER A 21 -0.82 1.35 10.45
N GLN A 22 -0.27 2.21 9.61
CA GLN A 22 0.45 3.39 10.09
C GLN A 22 0.39 4.51 9.06
N ARG A 23 -0.06 5.69 9.50
CA ARG A 23 -0.17 6.85 8.62
C ARG A 23 1.15 7.10 7.89
N GLY A 24 2.26 6.90 8.60
CA GLY A 24 3.56 7.11 8.00
C GLY A 24 3.93 6.03 7.00
N SER A 25 3.59 4.80 7.33
CA SER A 25 3.90 3.66 6.45
C SER A 25 3.22 3.83 5.10
N LEU A 26 1.91 4.11 5.12
CA LEU A 26 1.14 4.29 3.90
C LEU A 26 1.78 5.34 3.01
N ALA A 27 2.09 6.50 3.60
CA ALA A 27 2.71 7.59 2.86
C ALA A 27 3.93 7.11 2.08
N VAL A 28 4.82 6.38 2.76
CA VAL A 28 6.02 5.86 2.13
C VAL A 28 5.68 5.02 0.90
N HIS A 29 4.50 4.42 0.92
CA HIS A 29 4.05 3.59 -0.20
C HIS A 29 3.27 4.42 -1.22
N GLU A 30 2.84 5.60 -0.80
CA GLU A 30 2.08 6.48 -1.68
C GLU A 30 3.01 7.46 -2.40
N ARG A 31 4.25 7.53 -1.93
CA ARG A 31 5.24 8.43 -2.54
C ARG A 31 6.15 7.66 -3.49
N LEU A 32 6.49 6.43 -3.12
CA LEU A 32 7.37 5.60 -3.94
C LEU A 32 6.64 5.14 -5.20
N HIS A 33 5.33 5.31 -5.21
CA HIS A 33 4.52 4.92 -6.37
C HIS A 33 5.06 5.54 -7.65
N THR A 34 5.41 6.82 -7.59
CA THR A 34 5.93 7.53 -8.74
C THR A 34 7.30 6.98 -9.16
N GLY A 35 7.40 6.51 -10.39
CA GLY A 35 8.64 5.95 -10.88
C GLY A 35 8.82 6.14 -12.38
N SER A 36 10.06 6.10 -12.84
CA SER A 36 10.36 6.27 -14.26
C SER A 36 9.75 5.14 -15.08
N GLY A 37 9.27 5.49 -16.28
CA GLY A 37 8.66 4.50 -17.14
C GLY A 37 7.65 5.10 -18.09
N PRO A 38 8.15 5.83 -19.11
CA PRO A 38 7.28 6.47 -20.11
C PRO A 38 6.60 5.46 -21.02
N SER A 39 5.53 4.83 -20.52
CA SER A 39 4.78 3.85 -21.29
C SER A 39 5.72 2.78 -21.85
N SER A 40 6.77 2.46 -21.10
CA SER A 40 7.74 1.46 -21.52
C SER A 40 8.82 1.27 -20.46
N GLY A 41 9.72 2.24 -20.35
CA GLY A 41 10.79 2.16 -19.37
C GLY A 41 11.64 0.91 -19.55
N GLY A 1 -1.50 -16.26 0.06
CA GLY A 1 -0.83 -16.21 1.34
C GLY A 1 -0.93 -14.86 2.00
N SER A 2 -0.57 -14.79 3.27
CA SER A 2 -0.63 -13.53 4.02
C SER A 2 -2.03 -12.93 3.95
N SER A 3 -3.04 -13.79 3.92
CA SER A 3 -4.43 -13.34 3.85
C SER A 3 -5.34 -14.27 4.65
N GLY A 4 -4.89 -14.65 5.84
CA GLY A 4 -5.67 -15.54 6.68
C GLY A 4 -6.71 -14.79 7.50
N SER A 5 -6.28 -14.17 8.58
CA SER A 5 -7.17 -13.41 9.45
C SER A 5 -6.46 -12.24 10.09
N SER A 6 -6.80 -11.04 9.65
CA SER A 6 -6.19 -9.82 10.18
C SER A 6 -7.22 -8.70 10.34
N GLY A 7 -8.09 -8.57 9.33
CA GLY A 7 -9.12 -7.55 9.39
C GLY A 7 -8.73 -6.31 8.60
N GLU A 8 -9.72 -5.46 8.33
CA GLU A 8 -9.48 -4.22 7.58
C GLU A 8 -8.43 -3.36 8.29
N LYS A 9 -7.89 -2.38 7.55
CA LYS A 9 -6.89 -1.49 8.10
C LYS A 9 -7.37 -0.05 8.08
N PRO A 10 -6.81 0.79 8.96
CA PRO A 10 -7.17 2.21 9.07
C PRO A 10 -6.70 3.01 7.86
N TYR A 11 -5.81 2.41 7.07
CA TYR A 11 -5.29 3.09 5.88
C TYR A 11 -5.38 2.18 4.65
N GLN A 12 -5.54 2.78 3.50
CA GLN A 12 -5.65 2.03 2.24
C GLN A 12 -5.21 2.88 1.06
N CYS A 13 -4.29 2.33 0.26
CA CYS A 13 -3.79 3.04 -0.91
C CYS A 13 -4.87 3.18 -1.98
N LYS A 14 -4.95 4.36 -2.58
CA LYS A 14 -5.93 4.63 -3.61
C LYS A 14 -5.29 4.62 -5.00
N GLU A 15 -4.20 3.86 -5.13
CA GLU A 15 -3.49 3.76 -6.40
C GLU A 15 -3.44 2.31 -6.88
N CYS A 16 -3.34 1.38 -5.92
CA CYS A 16 -3.27 -0.03 -6.24
C CYS A 16 -4.28 -0.83 -5.42
N GLY A 17 -4.47 -0.43 -4.17
CA GLY A 17 -5.41 -1.11 -3.30
C GLY A 17 -4.74 -1.69 -2.07
N LYS A 18 -3.55 -1.21 -1.76
CA LYS A 18 -2.80 -1.69 -0.60
C LYS A 18 -3.43 -1.17 0.69
N SER A 19 -2.88 -1.61 1.83
CA SER A 19 -3.38 -1.20 3.12
C SER A 19 -2.28 -1.26 4.18
N PHE A 20 -2.19 -0.22 5.00
CA PHE A 20 -1.18 -0.16 6.05
C PHE A 20 -1.81 0.15 7.40
N SER A 21 -1.06 -0.09 8.47
CA SER A 21 -1.55 0.16 9.82
C SER A 21 -0.84 1.35 10.45
N GLN A 22 -0.27 2.21 9.61
CA GLN A 22 0.44 3.39 10.08
C GLN A 22 0.38 4.51 9.05
N ARG A 23 -0.06 5.69 9.49
CA ARG A 23 -0.16 6.84 8.61
C ARG A 23 1.16 7.09 7.88
N GLY A 24 2.27 6.90 8.59
CA GLY A 24 3.57 7.12 8.00
C GLY A 24 3.94 6.03 7.01
N SER A 25 3.59 4.80 7.33
CA SER A 25 3.89 3.66 6.46
C SER A 25 3.21 3.82 5.10
N LEU A 26 1.92 4.11 5.14
CA LEU A 26 1.14 4.29 3.91
C LEU A 26 1.78 5.35 3.02
N ALA A 27 2.09 6.50 3.60
CA ALA A 27 2.71 7.60 2.86
C ALA A 27 3.93 7.11 2.08
N VAL A 28 4.81 6.38 2.76
CA VAL A 28 6.02 5.86 2.13
C VAL A 28 5.68 5.02 0.90
N HIS A 29 4.50 4.42 0.92
CA HIS A 29 4.05 3.59 -0.20
C HIS A 29 3.27 4.42 -1.21
N GLU A 30 2.84 5.60 -0.80
CA GLU A 30 2.08 6.48 -1.68
C GLU A 30 3.01 7.46 -2.40
N ARG A 31 4.25 7.53 -1.93
CA ARG A 31 5.24 8.43 -2.54
C ARG A 31 6.15 7.66 -3.49
N LEU A 32 6.49 6.43 -3.12
CA LEU A 32 7.36 5.60 -3.95
C LEU A 32 6.64 5.14 -5.21
N HIS A 33 5.32 5.32 -5.23
CA HIS A 33 4.51 4.93 -6.37
C HIS A 33 5.06 5.55 -7.65
N THR A 34 5.37 6.84 -7.60
CA THR A 34 5.90 7.54 -8.75
C THR A 34 7.28 7.02 -9.14
N GLY A 35 7.60 7.11 -10.43
CA GLY A 35 8.89 6.64 -10.90
C GLY A 35 8.91 5.14 -11.12
N SER A 36 10.06 4.53 -10.85
CA SER A 36 10.22 3.09 -11.02
C SER A 36 9.91 2.67 -12.45
N GLY A 37 10.87 2.91 -13.35
CA GLY A 37 10.68 2.56 -14.75
C GLY A 37 11.63 1.46 -15.19
N PRO A 38 11.37 0.23 -14.74
CA PRO A 38 12.20 -0.92 -15.08
C PRO A 38 12.04 -1.33 -16.55
N SER A 39 10.81 -1.32 -17.03
CA SER A 39 10.52 -1.68 -18.41
C SER A 39 9.09 -1.32 -18.79
N SER A 40 8.15 -1.64 -17.90
CA SER A 40 6.74 -1.34 -18.14
C SER A 40 6.09 -0.77 -16.88
N GLY A 41 6.89 -0.11 -16.06
CA GLY A 41 6.37 0.49 -14.84
C GLY A 41 5.28 1.50 -15.11
N GLY A 1 -10.12 -14.31 -1.13
CA GLY A 1 -9.54 -13.44 -0.12
C GLY A 1 -8.03 -13.60 -0.02
N SER A 2 -7.47 -13.08 1.07
CA SER A 2 -6.03 -13.16 1.28
C SER A 2 -5.72 -13.89 2.59
N SER A 3 -4.44 -14.23 2.78
CA SER A 3 -4.00 -14.93 3.99
C SER A 3 -3.69 -13.94 5.10
N GLY A 4 -3.65 -14.44 6.33
CA GLY A 4 -3.36 -13.59 7.47
C GLY A 4 -4.58 -12.85 7.98
N SER A 5 -5.51 -13.59 8.57
CA SER A 5 -6.73 -13.00 9.09
C SER A 5 -7.47 -12.21 8.00
N SER A 6 -8.51 -11.48 8.40
CA SER A 6 -9.28 -10.69 7.46
C SER A 6 -9.78 -9.40 8.09
N GLY A 7 -8.87 -8.71 8.81
CA GLY A 7 -9.23 -7.47 9.46
C GLY A 7 -8.80 -6.26 8.67
N GLU A 8 -9.78 -5.41 8.33
CA GLU A 8 -9.49 -4.20 7.56
C GLU A 8 -8.45 -3.33 8.26
N LYS A 9 -7.89 -2.39 7.53
CA LYS A 9 -6.88 -1.49 8.08
C LYS A 9 -7.37 -0.05 8.06
N PRO A 10 -6.80 0.78 8.95
CA PRO A 10 -7.16 2.20 9.05
C PRO A 10 -6.69 3.01 7.86
N TYR A 11 -5.80 2.42 7.06
CA TYR A 11 -5.27 3.09 5.88
C TYR A 11 -5.36 2.18 4.66
N GLN A 12 -5.57 2.78 3.49
CA GLN A 12 -5.67 2.03 2.25
C GLN A 12 -5.22 2.88 1.06
N CYS A 13 -4.31 2.34 0.26
CA CYS A 13 -3.80 3.03 -0.91
C CYS A 13 -4.88 3.18 -1.97
N LYS A 14 -4.94 4.36 -2.58
CA LYS A 14 -5.94 4.63 -3.62
C LYS A 14 -5.29 4.62 -5.00
N GLU A 15 -4.21 3.86 -5.13
CA GLU A 15 -3.49 3.76 -6.40
C GLU A 15 -3.44 2.31 -6.88
N CYS A 16 -3.33 1.39 -5.93
CA CYS A 16 -3.27 -0.04 -6.26
C CYS A 16 -4.29 -0.82 -5.43
N GLY A 17 -4.47 -0.42 -4.18
CA GLY A 17 -5.42 -1.10 -3.31
C GLY A 17 -4.75 -1.69 -2.08
N LYS A 18 -3.56 -1.21 -1.77
CA LYS A 18 -2.81 -1.69 -0.61
C LYS A 18 -3.42 -1.17 0.69
N SER A 19 -2.88 -1.61 1.82
CA SER A 19 -3.38 -1.19 3.12
C SER A 19 -2.28 -1.26 4.17
N PHE A 20 -2.19 -0.22 5.00
CA PHE A 20 -1.18 -0.16 6.05
C PHE A 20 -1.81 0.15 7.40
N SER A 21 -1.06 -0.09 8.47
CA SER A 21 -1.56 0.15 9.82
C SER A 21 -0.83 1.34 10.45
N GLN A 22 -0.25 2.19 9.61
CA GLN A 22 0.47 3.37 10.08
C GLN A 22 0.38 4.51 9.06
N ARG A 23 -0.05 5.68 9.54
CA ARG A 23 -0.18 6.84 8.68
C ARG A 23 1.13 7.14 7.95
N GLY A 24 2.25 6.89 8.63
CA GLY A 24 3.54 7.13 8.03
C GLY A 24 3.93 6.06 7.02
N SER A 25 3.58 4.82 7.33
CA SER A 25 3.90 3.69 6.44
C SER A 25 3.22 3.86 5.09
N LEU A 26 1.91 4.11 5.12
CA LEU A 26 1.14 4.29 3.90
C LEU A 26 1.79 5.35 3.01
N ALA A 27 2.10 6.50 3.59
CA ALA A 27 2.72 7.59 2.85
C ALA A 27 3.94 7.11 2.07
N VAL A 28 4.82 6.38 2.75
CA VAL A 28 6.02 5.86 2.12
C VAL A 28 5.68 5.02 0.90
N HIS A 29 4.50 4.41 0.91
CA HIS A 29 4.05 3.58 -0.21
C HIS A 29 3.27 4.42 -1.23
N GLU A 30 2.84 5.60 -0.80
CA GLU A 30 2.08 6.48 -1.68
C GLU A 30 3.01 7.45 -2.41
N ARG A 31 4.25 7.52 -1.94
CA ARG A 31 5.25 8.41 -2.55
C ARG A 31 6.15 7.65 -3.50
N LEU A 32 6.50 6.43 -3.12
CA LEU A 32 7.37 5.59 -3.95
C LEU A 32 6.64 5.13 -5.21
N HIS A 33 5.33 5.31 -5.23
CA HIS A 33 4.52 4.92 -6.37
C HIS A 33 5.06 5.54 -7.66
N THR A 34 5.41 6.82 -7.59
CA THR A 34 5.94 7.54 -8.75
C THR A 34 7.30 6.97 -9.16
N GLY A 35 7.69 7.22 -10.41
CA GLY A 35 8.96 6.74 -10.90
C GLY A 35 8.81 5.66 -11.95
N SER A 36 7.83 4.79 -11.76
CA SER A 36 7.58 3.70 -12.69
C SER A 36 6.46 4.06 -13.67
N GLY A 37 6.46 3.41 -14.83
CA GLY A 37 5.45 3.68 -15.83
C GLY A 37 5.60 2.81 -17.07
N PRO A 38 4.71 3.01 -18.05
CA PRO A 38 4.73 2.25 -19.30
C PRO A 38 5.93 2.60 -20.18
N SER A 39 5.93 2.09 -21.41
CA SER A 39 7.01 2.35 -22.34
C SER A 39 6.98 3.79 -22.83
N SER A 40 5.78 4.27 -23.14
CA SER A 40 5.60 5.64 -23.62
C SER A 40 5.01 6.53 -22.54
N GLY A 41 5.48 6.35 -21.31
CA GLY A 41 4.99 7.14 -20.20
C GLY A 41 5.49 8.57 -20.24
N GLY A 1 -7.30 -10.92 -4.45
CA GLY A 1 -7.32 -11.76 -3.26
C GLY A 1 -6.42 -11.22 -2.16
N SER A 2 -6.97 -11.13 -0.95
CA SER A 2 -6.21 -10.62 0.19
C SER A 2 -6.17 -11.66 1.31
N SER A 3 -5.28 -12.64 1.18
CA SER A 3 -5.15 -13.69 2.18
C SER A 3 -4.30 -13.22 3.35
N GLY A 4 -4.75 -13.50 4.56
CA GLY A 4 -4.01 -13.10 5.75
C GLY A 4 -4.91 -12.87 6.94
N SER A 5 -4.65 -11.79 7.68
CA SER A 5 -5.44 -11.46 8.86
C SER A 5 -6.85 -11.06 8.47
N SER A 6 -7.83 -11.50 9.27
CA SER A 6 -9.23 -11.19 9.01
C SER A 6 -9.62 -9.86 9.63
N GLY A 7 -9.34 -8.77 8.93
CA GLY A 7 -9.67 -7.45 9.44
C GLY A 7 -9.16 -6.34 8.54
N GLU A 8 -9.94 -5.27 8.42
CA GLU A 8 -9.57 -4.13 7.59
C GLU A 8 -8.54 -3.26 8.30
N LYS A 9 -7.88 -2.39 7.54
CA LYS A 9 -6.87 -1.50 8.10
C LYS A 9 -7.37 -0.05 8.08
N PRO A 10 -6.79 0.78 8.97
CA PRO A 10 -7.16 2.20 9.07
C PRO A 10 -6.68 3.00 7.87
N TYR A 11 -5.80 2.41 7.07
CA TYR A 11 -5.27 3.08 5.88
C TYR A 11 -5.36 2.18 4.66
N GLN A 12 -5.56 2.79 3.50
CA GLN A 12 -5.66 2.03 2.26
C GLN A 12 -5.21 2.88 1.06
N CYS A 13 -4.31 2.34 0.26
CA CYS A 13 -3.79 3.04 -0.91
C CYS A 13 -4.88 3.18 -1.97
N LYS A 14 -4.93 4.37 -2.58
CA LYS A 14 -5.93 4.64 -3.62
C LYS A 14 -5.29 4.62 -5.00
N GLU A 15 -4.20 3.86 -5.14
CA GLU A 15 -3.49 3.76 -6.40
C GLU A 15 -3.44 2.31 -6.88
N CYS A 16 -3.33 1.39 -5.93
CA CYS A 16 -3.27 -0.03 -6.24
C CYS A 16 -4.28 -0.82 -5.43
N GLY A 17 -4.47 -0.42 -4.17
CA GLY A 17 -5.41 -1.10 -3.30
C GLY A 17 -4.75 -1.69 -2.07
N LYS A 18 -3.55 -1.21 -1.76
CA LYS A 18 -2.81 -1.69 -0.60
C LYS A 18 -3.43 -1.17 0.69
N SER A 19 -2.88 -1.61 1.83
CA SER A 19 -3.38 -1.20 3.12
C SER A 19 -2.28 -1.27 4.17
N PHE A 20 -2.19 -0.22 5.00
CA PHE A 20 -1.18 -0.16 6.05
C PHE A 20 -1.81 0.15 7.40
N SER A 21 -1.06 -0.09 8.47
CA SER A 21 -1.55 0.16 9.82
C SER A 21 -0.82 1.35 10.45
N GLN A 22 -0.25 2.19 9.61
CA GLN A 22 0.47 3.37 10.08
C GLN A 22 0.39 4.51 9.06
N ARG A 23 -0.05 5.68 9.53
CA ARG A 23 -0.18 6.84 8.66
C ARG A 23 1.12 7.10 7.91
N GLY A 24 2.25 6.91 8.60
CA GLY A 24 3.54 7.13 7.98
C GLY A 24 3.90 6.06 6.98
N SER A 25 3.60 4.81 7.32
CA SER A 25 3.90 3.68 6.45
C SER A 25 3.21 3.84 5.10
N LEU A 26 1.91 4.11 5.12
CA LEU A 26 1.14 4.29 3.90
C LEU A 26 1.78 5.34 3.01
N ALA A 27 2.09 6.50 3.60
CA ALA A 27 2.71 7.60 2.86
C ALA A 27 3.92 7.11 2.07
N VAL A 28 4.81 6.38 2.76
CA VAL A 28 6.01 5.86 2.12
C VAL A 28 5.68 5.02 0.90
N HIS A 29 4.49 4.41 0.91
CA HIS A 29 4.05 3.59 -0.20
C HIS A 29 3.27 4.41 -1.22
N GLU A 30 2.83 5.60 -0.80
CA GLU A 30 2.08 6.48 -1.68
C GLU A 30 3.00 7.45 -2.40
N ARG A 31 4.25 7.52 -1.95
CA ARG A 31 5.23 8.41 -2.54
C ARG A 31 6.15 7.66 -3.49
N LEU A 32 6.50 6.43 -3.12
CA LEU A 32 7.37 5.60 -3.94
C LEU A 32 6.65 5.13 -5.20
N HIS A 33 5.33 5.31 -5.22
CA HIS A 33 4.52 4.92 -6.37
C HIS A 33 5.08 5.53 -7.65
N THR A 34 5.65 6.72 -7.54
CA THR A 34 6.21 7.42 -8.68
C THR A 34 7.65 6.99 -8.93
N GLY A 35 8.11 7.19 -10.17
CA GLY A 35 9.48 6.83 -10.52
C GLY A 35 10.15 7.87 -11.38
N SER A 36 10.64 8.93 -10.75
CA SER A 36 11.30 10.01 -11.48
C SER A 36 10.37 10.64 -12.51
N GLY A 37 10.88 11.61 -13.26
CA GLY A 37 10.08 12.27 -14.27
C GLY A 37 9.79 13.71 -13.91
N PRO A 38 9.17 14.45 -14.86
CA PRO A 38 8.82 15.86 -14.65
C PRO A 38 7.69 16.03 -13.64
N SER A 39 8.02 15.94 -12.36
CA SER A 39 7.03 16.08 -11.30
C SER A 39 5.87 15.12 -11.50
N SER A 40 6.16 13.98 -12.14
CA SER A 40 5.13 12.98 -12.41
C SER A 40 5.73 11.77 -13.13
N GLY A 41 6.08 11.97 -14.39
CA GLY A 41 6.66 10.89 -15.18
C GLY A 41 5.68 9.76 -15.42
N GLY A 1 -5.42 -19.49 -6.09
CA GLY A 1 -4.26 -20.32 -5.81
C GLY A 1 -3.83 -20.23 -4.36
N SER A 2 -4.06 -19.08 -3.74
CA SER A 2 -3.68 -18.87 -2.35
C SER A 2 -4.90 -18.48 -1.51
N SER A 3 -4.75 -18.54 -0.19
CA SER A 3 -5.83 -18.21 0.72
C SER A 3 -5.34 -17.28 1.83
N GLY A 4 -6.29 -16.66 2.53
CA GLY A 4 -5.93 -15.76 3.62
C GLY A 4 -7.14 -15.04 4.19
N SER A 5 -7.06 -14.68 5.46
CA SER A 5 -8.15 -13.98 6.13
C SER A 5 -7.63 -13.08 7.24
N SER A 6 -7.96 -11.80 7.16
CA SER A 6 -7.51 -10.83 8.14
C SER A 6 -8.55 -9.70 8.31
N GLY A 7 -8.20 -8.70 9.11
CA GLY A 7 -9.10 -7.59 9.33
C GLY A 7 -8.71 -6.36 8.54
N GLU A 8 -9.69 -5.48 8.30
CA GLU A 8 -9.44 -4.26 7.55
C GLU A 8 -8.41 -3.39 8.26
N LYS A 9 -7.87 -2.41 7.53
CA LYS A 9 -6.87 -1.50 8.08
C LYS A 9 -7.37 -0.07 8.05
N PRO A 10 -6.81 0.77 8.95
CA PRO A 10 -7.19 2.19 9.04
C PRO A 10 -6.71 3.00 7.83
N TYR A 11 -5.82 2.40 7.05
CA TYR A 11 -5.28 3.07 5.87
C TYR A 11 -5.37 2.16 4.65
N GLN A 12 -5.56 2.76 3.48
CA GLN A 12 -5.68 2.01 2.24
C GLN A 12 -5.23 2.86 1.05
N CYS A 13 -4.29 2.33 0.26
CA CYS A 13 -3.79 3.04 -0.90
C CYS A 13 -4.87 3.19 -1.97
N LYS A 14 -4.94 4.36 -2.57
CA LYS A 14 -5.94 4.64 -3.61
C LYS A 14 -5.29 4.62 -4.99
N GLU A 15 -4.21 3.86 -5.12
CA GLU A 15 -3.50 3.76 -6.40
C GLU A 15 -3.45 2.31 -6.87
N CYS A 16 -3.34 1.39 -5.92
CA CYS A 16 -3.28 -0.03 -6.24
C CYS A 16 -4.30 -0.82 -5.43
N GLY A 17 -4.47 -0.42 -4.17
CA GLY A 17 -5.41 -1.10 -3.30
C GLY A 17 -4.75 -1.68 -2.07
N LYS A 18 -3.55 -1.21 -1.76
CA LYS A 18 -2.81 -1.69 -0.60
C LYS A 18 -3.43 -1.17 0.69
N SER A 19 -2.88 -1.61 1.83
CA SER A 19 -3.39 -1.19 3.13
C SER A 19 -2.28 -1.27 4.18
N PHE A 20 -2.19 -0.22 5.00
CA PHE A 20 -1.18 -0.16 6.04
C PHE A 20 -1.82 0.14 7.39
N SER A 21 -1.07 -0.09 8.47
CA SER A 21 -1.56 0.15 9.82
C SER A 21 -0.83 1.34 10.45
N GLN A 22 -0.28 2.21 9.60
CA GLN A 22 0.44 3.39 10.08
C GLN A 22 0.37 4.51 9.05
N ARG A 23 -0.08 5.69 9.50
CA ARG A 23 -0.19 6.84 8.62
C ARG A 23 1.12 7.09 7.88
N GLY A 24 2.23 6.93 8.59
CA GLY A 24 3.53 7.15 7.99
C GLY A 24 3.90 6.07 6.99
N SER A 25 3.63 4.82 7.34
CA SER A 25 3.93 3.70 6.47
C SER A 25 3.24 3.85 5.12
N LEU A 26 1.94 4.11 5.15
CA LEU A 26 1.17 4.29 3.93
C LEU A 26 1.80 5.34 3.03
N ALA A 27 2.13 6.49 3.60
CA ALA A 27 2.74 7.58 2.86
C ALA A 27 3.95 7.10 2.07
N VAL A 28 4.84 6.37 2.76
CA VAL A 28 6.04 5.83 2.12
C VAL A 28 5.69 5.00 0.89
N HIS A 29 4.51 4.39 0.90
CA HIS A 29 4.07 3.58 -0.22
C HIS A 29 3.28 4.41 -1.22
N GLU A 30 2.85 5.59 -0.79
CA GLU A 30 2.08 6.49 -1.65
C GLU A 30 3.01 7.46 -2.38
N ARG A 31 4.26 7.53 -1.93
CA ARG A 31 5.24 8.42 -2.54
C ARG A 31 6.15 7.66 -3.49
N LEU A 32 6.50 6.43 -3.12
CA LEU A 32 7.36 5.60 -3.96
C LEU A 32 6.63 5.15 -5.22
N HIS A 33 5.31 5.32 -5.23
CA HIS A 33 4.50 4.94 -6.37
C HIS A 33 5.03 5.56 -7.65
N THR A 34 5.68 6.72 -7.52
CA THR A 34 6.24 7.42 -8.67
C THR A 34 7.69 7.02 -8.91
N GLY A 35 8.02 6.74 -10.16
CA GLY A 35 9.38 6.34 -10.50
C GLY A 35 9.42 5.13 -11.40
N SER A 36 10.26 4.16 -11.05
CA SER A 36 10.40 2.95 -11.84
C SER A 36 10.93 3.26 -13.24
N GLY A 37 11.39 2.23 -13.94
CA GLY A 37 11.91 2.42 -15.28
C GLY A 37 10.82 2.72 -16.29
N PRO A 38 11.19 2.72 -17.58
CA PRO A 38 10.26 2.98 -18.67
C PRO A 38 9.25 1.85 -18.86
N SER A 39 8.23 1.81 -18.01
CA SER A 39 7.21 0.79 -18.07
C SER A 39 7.83 -0.60 -18.06
N SER A 40 8.99 -0.72 -17.42
CA SER A 40 9.69 -2.00 -17.33
C SER A 40 10.97 -1.85 -16.51
N GLY A 41 11.94 -1.13 -17.06
CA GLY A 41 13.20 -0.93 -16.36
C GLY A 41 14.07 -2.16 -16.39
N GLY A 1 -5.69 -21.12 -2.12
CA GLY A 1 -5.28 -20.48 -0.88
C GLY A 1 -5.36 -18.96 -0.96
N SER A 2 -6.57 -18.43 -0.77
CA SER A 2 -6.79 -17.00 -0.82
C SER A 2 -5.85 -16.28 0.15
N SER A 3 -5.48 -15.04 -0.21
CA SER A 3 -4.59 -14.25 0.63
C SER A 3 -5.38 -13.48 1.68
N GLY A 4 -6.55 -12.99 1.30
CA GLY A 4 -7.39 -12.24 2.22
C GLY A 4 -7.98 -13.12 3.31
N SER A 5 -7.69 -12.78 4.56
CA SER A 5 -8.20 -13.54 5.69
C SER A 5 -7.93 -12.80 7.00
N SER A 6 -8.10 -11.49 6.99
CA SER A 6 -7.88 -10.67 8.17
C SER A 6 -8.81 -9.46 8.19
N GLY A 7 -8.72 -8.67 9.24
CA GLY A 7 -9.56 -7.48 9.36
C GLY A 7 -9.08 -6.34 8.50
N GLU A 8 -9.91 -5.31 8.36
CA GLU A 8 -9.56 -4.14 7.55
C GLU A 8 -8.53 -3.28 8.26
N LYS A 9 -7.90 -2.39 7.51
CA LYS A 9 -6.88 -1.50 8.06
C LYS A 9 -7.37 -0.05 8.06
N PRO A 10 -6.78 0.77 8.95
CA PRO A 10 -7.13 2.18 9.07
C PRO A 10 -6.67 3.00 7.87
N TYR A 11 -5.78 2.42 7.06
CA TYR A 11 -5.26 3.08 5.88
C TYR A 11 -5.34 2.18 4.65
N GLN A 12 -5.57 2.78 3.49
CA GLN A 12 -5.68 2.03 2.25
C GLN A 12 -5.24 2.87 1.06
N CYS A 13 -4.32 2.33 0.26
CA CYS A 13 -3.80 3.04 -0.90
C CYS A 13 -4.89 3.17 -1.97
N LYS A 14 -4.95 4.35 -2.59
CA LYS A 14 -5.94 4.63 -3.63
C LYS A 14 -5.29 4.60 -5.00
N GLU A 15 -4.21 3.85 -5.14
CA GLU A 15 -3.50 3.75 -6.40
C GLU A 15 -3.44 2.30 -6.88
N CYS A 16 -3.33 1.38 -5.93
CA CYS A 16 -3.26 -0.04 -6.25
C CYS A 16 -4.29 -0.84 -5.43
N GLY A 17 -4.46 -0.44 -4.18
CA GLY A 17 -5.41 -1.12 -3.31
C GLY A 17 -4.75 -1.69 -2.08
N LYS A 18 -3.54 -1.22 -1.77
CA LYS A 18 -2.81 -1.69 -0.60
C LYS A 18 -3.42 -1.17 0.69
N SER A 19 -2.87 -1.59 1.81
CA SER A 19 -3.38 -1.17 3.12
C SER A 19 -2.28 -1.24 4.18
N PHE A 20 -2.19 -0.21 5.01
CA PHE A 20 -1.19 -0.16 6.06
C PHE A 20 -1.83 0.14 7.41
N SER A 21 -1.07 -0.07 8.48
CA SER A 21 -1.57 0.18 9.83
C SER A 21 -0.86 1.37 10.46
N GLN A 22 -0.24 2.19 9.62
CA GLN A 22 0.47 3.37 10.10
C GLN A 22 0.38 4.51 9.08
N ARG A 23 -0.04 5.68 9.56
CA ARG A 23 -0.18 6.85 8.69
C ARG A 23 1.12 7.12 7.94
N GLY A 24 2.25 6.87 8.59
CA GLY A 24 3.54 7.10 7.98
C GLY A 24 3.89 6.02 6.98
N SER A 25 3.60 4.78 7.31
CA SER A 25 3.89 3.65 6.44
C SER A 25 3.21 3.82 5.09
N LEU A 26 1.91 4.12 5.12
CA LEU A 26 1.15 4.30 3.89
C LEU A 26 1.79 5.36 3.00
N ALA A 27 2.10 6.51 3.60
CA ALA A 27 2.73 7.61 2.86
C ALA A 27 3.95 7.11 2.07
N VAL A 28 4.82 6.39 2.75
CA VAL A 28 6.03 5.86 2.12
C VAL A 28 5.68 5.03 0.89
N HIS A 29 4.51 4.42 0.91
CA HIS A 29 4.05 3.59 -0.20
C HIS A 29 3.27 4.42 -1.22
N GLU A 30 2.84 5.61 -0.80
CA GLU A 30 2.09 6.50 -1.68
C GLU A 30 3.01 7.46 -2.40
N ARG A 31 4.26 7.54 -1.94
CA ARG A 31 5.24 8.43 -2.54
C ARG A 31 6.15 7.66 -3.51
N LEU A 32 6.50 6.43 -3.12
CA LEU A 32 7.37 5.59 -3.95
C LEU A 32 6.65 5.14 -5.21
N HIS A 33 5.32 5.32 -5.23
CA HIS A 33 4.51 4.92 -6.37
C HIS A 33 5.05 5.55 -7.66
N THR A 34 5.33 6.85 -7.61
CA THR A 34 5.85 7.56 -8.77
C THR A 34 7.20 7.00 -9.20
N GLY A 35 7.34 6.72 -10.48
CA GLY A 35 8.59 6.18 -11.00
C GLY A 35 8.50 4.71 -11.31
N SER A 36 7.55 4.33 -12.15
CA SER A 36 7.36 2.93 -12.52
C SER A 36 6.67 2.81 -13.87
N GLY A 37 7.20 1.97 -14.73
CA GLY A 37 6.62 1.78 -16.05
C GLY A 37 6.76 0.35 -16.55
N PRO A 38 6.05 -0.59 -15.89
CA PRO A 38 6.09 -2.00 -16.26
C PRO A 38 5.40 -2.28 -17.58
N SER A 39 5.38 -3.55 -17.98
CA SER A 39 4.75 -3.95 -19.24
C SER A 39 3.32 -3.40 -19.32
N SER A 40 2.49 -3.80 -18.37
CA SER A 40 1.10 -3.36 -18.35
C SER A 40 1.00 -1.88 -17.99
N GLY A 41 1.32 -1.56 -16.73
CA GLY A 41 1.26 -0.18 -16.28
C GLY A 41 -0.10 0.45 -16.52
N GLY A 1 0.24 -21.89 0.53
CA GLY A 1 0.05 -20.86 -0.47
C GLY A 1 0.02 -19.46 0.12
N SER A 2 -1.15 -18.84 0.07
CA SER A 2 -1.31 -17.49 0.60
C SER A 2 -2.52 -17.41 1.54
N SER A 3 -2.41 -16.57 2.57
CA SER A 3 -3.49 -16.41 3.53
C SER A 3 -3.38 -15.08 4.26
N GLY A 4 -4.15 -14.10 3.79
CA GLY A 4 -4.12 -12.78 4.40
C GLY A 4 -5.41 -12.45 5.12
N SER A 5 -6.09 -13.48 5.63
CA SER A 5 -7.35 -13.30 6.34
C SER A 5 -7.11 -12.76 7.75
N SER A 6 -7.59 -11.56 8.02
CA SER A 6 -7.42 -10.94 9.34
C SER A 6 -8.48 -9.87 9.57
N GLY A 7 -8.56 -8.91 8.66
CA GLY A 7 -9.54 -7.85 8.79
C GLY A 7 -9.21 -6.65 7.92
N GLU A 8 -9.71 -5.48 8.32
CA GLU A 8 -9.47 -4.26 7.57
C GLU A 8 -8.43 -3.38 8.27
N LYS A 9 -7.89 -2.42 7.54
CA LYS A 9 -6.88 -1.51 8.09
C LYS A 9 -7.38 -0.07 8.06
N PRO A 10 -6.81 0.77 8.95
CA PRO A 10 -7.19 2.19 9.04
C PRO A 10 -6.71 2.99 7.84
N TYR A 11 -5.82 2.39 7.05
CA TYR A 11 -5.29 3.05 5.86
C TYR A 11 -5.39 2.15 4.64
N GLN A 12 -5.53 2.75 3.47
CA GLN A 12 -5.64 2.00 2.22
C GLN A 12 -5.21 2.85 1.03
N CYS A 13 -4.25 2.34 0.27
CA CYS A 13 -3.74 3.05 -0.91
C CYS A 13 -4.84 3.20 -1.96
N LYS A 14 -4.92 4.38 -2.55
CA LYS A 14 -5.92 4.66 -3.59
C LYS A 14 -5.29 4.64 -4.97
N GLU A 15 -4.21 3.88 -5.11
CA GLU A 15 -3.51 3.78 -6.40
C GLU A 15 -3.47 2.33 -6.87
N CYS A 16 -3.34 1.41 -5.92
CA CYS A 16 -3.29 -0.02 -6.24
C CYS A 16 -4.30 -0.81 -5.41
N GLY A 17 -4.47 -0.40 -4.16
CA GLY A 17 -5.41 -1.08 -3.28
C GLY A 17 -4.74 -1.67 -2.06
N LYS A 18 -3.54 -1.19 -1.76
CA LYS A 18 -2.80 -1.67 -0.60
C LYS A 18 -3.45 -1.22 0.71
N SER A 19 -2.85 -1.60 1.82
CA SER A 19 -3.37 -1.23 3.14
C SER A 19 -2.27 -1.30 4.20
N PHE A 20 -2.18 -0.24 4.99
CA PHE A 20 -1.17 -0.18 6.06
C PHE A 20 -1.82 0.13 7.40
N SER A 21 -1.07 -0.09 8.48
CA SER A 21 -1.56 0.17 9.82
C SER A 21 -0.86 1.36 10.45
N GLN A 22 -0.28 2.21 9.61
CA GLN A 22 0.42 3.40 10.07
C GLN A 22 0.37 4.52 9.04
N ARG A 23 -0.08 5.69 9.47
CA ARG A 23 -0.19 6.84 8.58
C ARG A 23 1.13 7.09 7.87
N GLY A 24 2.23 6.93 8.58
CA GLY A 24 3.54 7.14 7.99
C GLY A 24 3.92 6.06 7.00
N SER A 25 3.61 4.81 7.34
CA SER A 25 3.92 3.68 6.47
C SER A 25 3.24 3.84 5.11
N LEU A 26 1.94 4.12 5.15
CA LEU A 26 1.16 4.29 3.93
C LEU A 26 1.79 5.35 3.02
N ALA A 27 2.11 6.50 3.60
CA ALA A 27 2.72 7.59 2.85
C ALA A 27 3.94 7.11 2.07
N VAL A 28 4.82 6.38 2.75
CA VAL A 28 6.03 5.85 2.11
C VAL A 28 5.68 5.01 0.88
N HIS A 29 4.50 4.41 0.91
CA HIS A 29 4.05 3.57 -0.21
C HIS A 29 3.27 4.40 -1.22
N GLU A 30 2.83 5.59 -0.80
CA GLU A 30 2.07 6.47 -1.68
C GLU A 30 2.99 7.44 -2.40
N ARG A 31 4.24 7.52 -1.94
CA ARG A 31 5.22 8.41 -2.55
C ARG A 31 6.13 7.65 -3.50
N LEU A 32 6.49 6.43 -3.12
CA LEU A 32 7.36 5.59 -3.94
C LEU A 32 6.64 5.14 -5.20
N HIS A 33 5.33 5.31 -5.23
CA HIS A 33 4.51 4.92 -6.38
C HIS A 33 5.06 5.53 -7.66
N THR A 34 5.43 6.80 -7.59
CA THR A 34 5.97 7.51 -8.75
C THR A 34 7.38 7.02 -9.09
N GLY A 35 7.73 7.12 -10.36
CA GLY A 35 9.05 6.68 -10.79
C GLY A 35 9.01 5.92 -12.10
N SER A 36 10.09 5.21 -12.41
CA SER A 36 10.18 4.44 -13.65
C SER A 36 9.72 3.01 -13.42
N GLY A 37 8.62 2.63 -14.08
CA GLY A 37 8.10 1.28 -13.94
C GLY A 37 6.94 1.01 -14.88
N PRO A 38 6.51 -0.25 -14.95
CA PRO A 38 5.40 -0.67 -15.80
C PRO A 38 4.06 -0.14 -15.32
N SER A 39 2.98 -0.61 -15.93
CA SER A 39 1.63 -0.18 -15.57
C SER A 39 1.40 -0.37 -14.07
N SER A 40 1.78 -1.53 -13.57
CA SER A 40 1.60 -1.85 -12.15
C SER A 40 2.91 -2.31 -11.52
N GLY A 41 3.73 -1.34 -11.13
CA GLY A 41 5.02 -1.66 -10.53
C GLY A 41 4.91 -1.88 -9.04
N GLY A 1 -11.39 -15.36 0.59
CA GLY A 1 -10.67 -16.62 0.53
C GLY A 1 -9.18 -16.43 0.77
N SER A 2 -8.81 -16.24 2.03
CA SER A 2 -7.42 -16.05 2.40
C SER A 2 -7.02 -16.97 3.55
N SER A 3 -5.71 -17.07 3.80
CA SER A 3 -5.20 -17.92 4.86
C SER A 3 -5.73 -17.47 6.22
N GLY A 4 -5.91 -16.17 6.39
CA GLY A 4 -6.40 -15.62 7.64
C GLY A 4 -6.86 -14.18 7.51
N SER A 5 -8.17 -13.99 7.45
CA SER A 5 -8.73 -12.65 7.32
C SER A 5 -8.74 -11.93 8.67
N SER A 6 -7.66 -11.21 8.96
CA SER A 6 -7.53 -10.49 10.21
C SER A 6 -8.55 -9.35 10.28
N GLY A 7 -8.81 -8.72 9.14
CA GLY A 7 -9.75 -7.63 9.09
C GLY A 7 -9.30 -6.50 8.19
N GLU A 8 -9.89 -5.32 8.37
CA GLU A 8 -9.54 -4.16 7.56
C GLU A 8 -8.51 -3.28 8.27
N LYS A 9 -7.88 -2.40 7.52
CA LYS A 9 -6.87 -1.50 8.07
C LYS A 9 -7.36 -0.05 8.05
N PRO A 10 -6.80 0.78 8.94
CA PRO A 10 -7.16 2.19 9.05
C PRO A 10 -6.68 3.00 7.85
N TYR A 11 -5.79 2.41 7.05
CA TYR A 11 -5.26 3.08 5.88
C TYR A 11 -5.34 2.18 4.65
N GLN A 12 -5.57 2.78 3.49
CA GLN A 12 -5.69 2.03 2.25
C GLN A 12 -5.24 2.87 1.06
N CYS A 13 -4.33 2.32 0.26
CA CYS A 13 -3.81 3.04 -0.91
C CYS A 13 -4.89 3.17 -1.97
N LYS A 14 -4.96 4.35 -2.58
CA LYS A 14 -5.94 4.62 -3.63
C LYS A 14 -5.30 4.60 -5.01
N GLU A 15 -4.21 3.85 -5.14
CA GLU A 15 -3.50 3.75 -6.40
C GLU A 15 -3.44 2.30 -6.88
N CYS A 16 -3.33 1.38 -5.93
CA CYS A 16 -3.26 -0.04 -6.25
C CYS A 16 -4.29 -0.84 -5.43
N GLY A 17 -4.46 -0.44 -4.18
CA GLY A 17 -5.40 -1.12 -3.32
C GLY A 17 -4.75 -1.70 -2.07
N LYS A 18 -3.54 -1.22 -1.77
CA LYS A 18 -2.80 -1.69 -0.60
C LYS A 18 -3.42 -1.17 0.69
N SER A 19 -2.87 -1.59 1.81
CA SER A 19 -3.37 -1.16 3.11
C SER A 19 -2.28 -1.24 4.18
N PHE A 20 -2.19 -0.21 5.01
CA PHE A 20 -1.18 -0.16 6.06
C PHE A 20 -1.83 0.15 7.41
N SER A 21 -1.07 -0.07 8.48
CA SER A 21 -1.57 0.18 9.83
C SER A 21 -0.85 1.38 10.46
N GLN A 22 -0.23 2.20 9.62
CA GLN A 22 0.50 3.38 10.09
C GLN A 22 0.40 4.51 9.09
N ARG A 23 -0.05 5.67 9.56
CA ARG A 23 -0.18 6.84 8.70
C ARG A 23 1.11 7.12 7.94
N GLY A 24 2.25 6.86 8.60
CA GLY A 24 3.53 7.09 7.99
C GLY A 24 3.89 6.02 6.98
N SER A 25 3.60 4.77 7.32
CA SER A 25 3.90 3.64 6.44
C SER A 25 3.21 3.82 5.09
N LEU A 26 1.91 4.12 5.12
CA LEU A 26 1.15 4.31 3.89
C LEU A 26 1.79 5.36 3.00
N ALA A 27 2.11 6.51 3.60
CA ALA A 27 2.73 7.61 2.86
C ALA A 27 3.95 7.11 2.07
N VAL A 28 4.83 6.39 2.75
CA VAL A 28 6.03 5.86 2.12
C VAL A 28 5.68 5.03 0.89
N HIS A 29 4.51 4.42 0.91
CA HIS A 29 4.05 3.59 -0.20
C HIS A 29 3.27 4.42 -1.22
N GLU A 30 2.84 5.61 -0.80
CA GLU A 30 2.08 6.50 -1.67
C GLU A 30 3.01 7.46 -2.40
N ARG A 31 4.26 7.54 -1.94
CA ARG A 31 5.24 8.43 -2.54
C ARG A 31 6.15 7.66 -3.51
N LEU A 32 6.50 6.43 -3.12
CA LEU A 32 7.37 5.59 -3.95
C LEU A 32 6.64 5.14 -5.21
N HIS A 33 5.32 5.32 -5.23
CA HIS A 33 4.51 4.93 -6.37
C HIS A 33 5.05 5.55 -7.66
N THR A 34 5.33 6.85 -7.61
CA THR A 34 5.85 7.57 -8.76
C THR A 34 7.22 7.04 -9.18
N GLY A 35 7.53 7.12 -10.46
CA GLY A 35 8.80 6.65 -10.96
C GLY A 35 8.76 5.19 -11.36
N SER A 36 9.56 4.84 -12.36
CA SER A 36 9.61 3.46 -12.85
C SER A 36 10.76 3.27 -13.84
N GLY A 37 10.67 3.97 -14.97
CA GLY A 37 11.70 3.87 -15.98
C GLY A 37 11.16 4.06 -17.38
N PRO A 38 12.02 3.81 -18.39
CA PRO A 38 11.63 3.96 -19.81
C PRO A 38 10.63 2.89 -20.25
N SER A 39 9.35 3.20 -20.15
CA SER A 39 8.30 2.27 -20.54
C SER A 39 8.45 0.95 -19.79
N SER A 40 7.79 0.85 -18.64
CA SER A 40 7.85 -0.36 -17.83
C SER A 40 9.29 -0.71 -17.49
N GLY A 41 10.00 0.22 -16.86
CA GLY A 41 11.38 -0.02 -16.49
C GLY A 41 11.51 -0.90 -15.27
N GLY A 1 9.61 -9.30 9.70
CA GLY A 1 8.67 -10.26 9.15
C GLY A 1 7.53 -10.57 10.10
N SER A 2 6.85 -9.53 10.54
CA SER A 2 5.72 -9.68 11.47
C SER A 2 4.53 -8.84 11.02
N SER A 3 3.34 -9.41 11.15
CA SER A 3 2.12 -8.71 10.75
C SER A 3 0.89 -9.54 11.12
N GLY A 4 -0.12 -8.88 11.69
CA GLY A 4 -1.34 -9.56 12.08
C GLY A 4 -2.58 -8.82 11.63
N SER A 5 -2.93 -8.97 10.36
CA SER A 5 -4.11 -8.32 9.81
C SER A 5 -5.36 -9.15 10.04
N SER A 6 -6.15 -8.76 11.03
CA SER A 6 -7.38 -9.49 11.35
C SER A 6 -8.45 -9.24 10.28
N GLY A 7 -8.78 -7.98 10.06
CA GLY A 7 -9.78 -7.63 9.07
C GLY A 7 -9.33 -6.51 8.17
N GLU A 8 -9.89 -5.33 8.38
CA GLU A 8 -9.55 -4.16 7.56
C GLU A 8 -8.52 -3.29 8.27
N LYS A 9 -7.89 -2.40 7.52
CA LYS A 9 -6.88 -1.50 8.07
C LYS A 9 -7.37 -0.05 8.06
N PRO A 10 -6.80 0.77 8.94
CA PRO A 10 -7.16 2.19 9.05
C PRO A 10 -6.68 3.00 7.85
N TYR A 11 -5.79 2.41 7.05
CA TYR A 11 -5.27 3.08 5.87
C TYR A 11 -5.35 2.18 4.65
N GLN A 12 -5.56 2.78 3.49
CA GLN A 12 -5.67 2.03 2.24
C GLN A 12 -5.22 2.88 1.06
N CYS A 13 -4.31 2.34 0.26
CA CYS A 13 -3.80 3.03 -0.91
C CYS A 13 -4.88 3.18 -1.97
N LYS A 14 -4.94 4.36 -2.58
CA LYS A 14 -5.94 4.63 -3.62
C LYS A 14 -5.29 4.61 -5.01
N GLU A 15 -4.21 3.85 -5.14
CA GLU A 15 -3.49 3.76 -6.40
C GLU A 15 -3.44 2.30 -6.88
N CYS A 16 -3.33 1.38 -5.93
CA CYS A 16 -3.26 -0.04 -6.25
C CYS A 16 -4.28 -0.83 -5.42
N GLY A 17 -4.47 -0.43 -4.17
CA GLY A 17 -5.41 -1.11 -3.30
C GLY A 17 -4.74 -1.69 -2.07
N LYS A 18 -3.55 -1.21 -1.76
CA LYS A 18 -2.81 -1.69 -0.60
C LYS A 18 -3.43 -1.17 0.69
N SER A 19 -2.87 -1.60 1.82
CA SER A 19 -3.38 -1.17 3.12
C SER A 19 -2.27 -1.25 4.18
N PHE A 20 -2.19 -0.21 5.01
CA PHE A 20 -1.18 -0.16 6.06
C PHE A 20 -1.82 0.15 7.42
N SER A 21 -1.07 -0.08 8.49
CA SER A 21 -1.57 0.17 9.83
C SER A 21 -0.86 1.37 10.46
N GLN A 22 -0.24 2.19 9.62
CA GLN A 22 0.47 3.37 10.10
C GLN A 22 0.38 4.51 9.08
N ARG A 23 -0.05 5.67 9.56
CA ARG A 23 -0.20 6.84 8.70
C ARG A 23 1.11 7.13 7.96
N GLY A 24 2.23 6.86 8.61
CA GLY A 24 3.53 7.10 7.99
C GLY A 24 3.90 6.03 6.99
N SER A 25 3.59 4.78 7.32
CA SER A 25 3.89 3.66 6.44
C SER A 25 3.21 3.82 5.08
N LEU A 26 1.91 4.12 5.12
CA LEU A 26 1.15 4.30 3.89
C LEU A 26 1.79 5.36 3.00
N ALA A 27 2.11 6.51 3.59
CA ALA A 27 2.73 7.60 2.85
C ALA A 27 3.94 7.11 2.06
N VAL A 28 4.82 6.39 2.75
CA VAL A 28 6.03 5.87 2.12
C VAL A 28 5.68 5.03 0.89
N HIS A 29 4.51 4.42 0.91
CA HIS A 29 4.05 3.59 -0.20
C HIS A 29 3.28 4.42 -1.22
N GLU A 30 2.84 5.61 -0.80
CA GLU A 30 2.09 6.50 -1.68
C GLU A 30 3.01 7.46 -2.40
N ARG A 31 4.26 7.53 -1.95
CA ARG A 31 5.24 8.42 -2.56
C ARG A 31 6.15 7.66 -3.51
N LEU A 32 6.50 6.43 -3.12
CA LEU A 32 7.37 5.59 -3.95
C LEU A 32 6.64 5.14 -5.22
N HIS A 33 5.33 5.32 -5.23
CA HIS A 33 4.51 4.92 -6.38
C HIS A 33 5.06 5.54 -7.66
N THR A 34 5.31 6.84 -7.62
CA THR A 34 5.83 7.56 -8.78
C THR A 34 7.19 7.02 -9.20
N GLY A 35 7.37 6.82 -10.50
CA GLY A 35 8.64 6.31 -11.00
C GLY A 35 8.64 4.80 -11.15
N SER A 36 9.27 4.30 -12.20
CA SER A 36 9.34 2.87 -12.45
C SER A 36 9.92 2.13 -11.25
N GLY A 37 10.98 2.69 -10.68
CA GLY A 37 11.60 2.07 -9.52
C GLY A 37 12.45 0.87 -9.90
N PRO A 38 13.04 0.21 -8.88
CA PRO A 38 13.87 -0.97 -9.09
C PRO A 38 13.07 -2.18 -9.56
N SER A 39 13.74 -3.33 -9.63
CA SER A 39 13.09 -4.56 -10.07
C SER A 39 11.88 -4.88 -9.20
N SER A 40 12.15 -5.20 -7.94
CA SER A 40 11.08 -5.53 -7.00
C SER A 40 10.44 -4.26 -6.42
N GLY A 41 11.23 -3.52 -5.64
CA GLY A 41 10.73 -2.29 -5.04
C GLY A 41 9.99 -2.54 -3.74
N GLY A 1 0.14 -17.69 5.75
CA GLY A 1 0.57 -17.98 4.40
C GLY A 1 0.10 -16.94 3.40
N SER A 2 -1.15 -17.06 2.97
CA SER A 2 -1.72 -16.12 2.01
C SER A 2 -2.74 -15.21 2.67
N SER A 3 -2.38 -13.94 2.83
CA SER A 3 -3.27 -12.97 3.46
C SER A 3 -4.56 -12.83 2.66
N GLY A 4 -5.67 -13.27 3.26
CA GLY A 4 -6.96 -13.20 2.60
C GLY A 4 -7.68 -11.90 2.90
N SER A 5 -9.00 -11.96 2.93
CA SER A 5 -9.83 -10.78 3.21
C SER A 5 -10.37 -10.83 4.64
N SER A 6 -9.47 -10.79 5.61
CA SER A 6 -9.85 -10.82 7.01
C SER A 6 -9.27 -9.63 7.76
N GLY A 7 -10.15 -8.82 8.34
CA GLY A 7 -9.71 -7.65 9.08
C GLY A 7 -9.28 -6.51 8.17
N GLU A 8 -9.85 -5.34 8.38
CA GLU A 8 -9.52 -4.17 7.58
C GLU A 8 -8.49 -3.29 8.28
N LYS A 9 -7.89 -2.39 7.53
CA LYS A 9 -6.89 -1.49 8.09
C LYS A 9 -7.38 -0.04 8.05
N PRO A 10 -6.82 0.80 8.95
CA PRO A 10 -7.19 2.21 9.04
C PRO A 10 -6.71 3.02 7.84
N TYR A 11 -5.81 2.43 7.06
CA TYR A 11 -5.27 3.09 5.87
C TYR A 11 -5.36 2.18 4.65
N GLN A 12 -5.56 2.78 3.49
CA GLN A 12 -5.66 2.03 2.24
C GLN A 12 -5.21 2.87 1.05
N CYS A 13 -4.29 2.33 0.26
CA CYS A 13 -3.79 3.04 -0.91
C CYS A 13 -4.87 3.18 -1.98
N LYS A 14 -4.94 4.36 -2.58
CA LYS A 14 -5.93 4.63 -3.61
C LYS A 14 -5.29 4.62 -5.00
N GLU A 15 -4.21 3.85 -5.14
CA GLU A 15 -3.50 3.76 -6.41
C GLU A 15 -3.44 2.31 -6.88
N CYS A 16 -3.34 1.38 -5.92
CA CYS A 16 -3.26 -0.04 -6.25
C CYS A 16 -4.28 -0.83 -5.42
N GLY A 17 -4.47 -0.43 -4.17
CA GLY A 17 -5.41 -1.10 -3.30
C GLY A 17 -4.74 -1.69 -2.07
N LYS A 18 -3.55 -1.21 -1.76
CA LYS A 18 -2.80 -1.69 -0.60
C LYS A 18 -3.43 -1.18 0.70
N SER A 19 -2.86 -1.59 1.83
CA SER A 19 -3.36 -1.18 3.12
C SER A 19 -2.27 -1.25 4.18
N PHE A 20 -2.19 -0.21 5.01
CA PHE A 20 -1.18 -0.16 6.06
C PHE A 20 -1.82 0.16 7.41
N SER A 21 -1.07 -0.07 8.48
CA SER A 21 -1.56 0.18 9.84
C SER A 21 -0.85 1.37 10.46
N GLN A 22 -0.23 2.20 9.62
CA GLN A 22 0.49 3.37 10.09
C GLN A 22 0.38 4.51 9.09
N ARG A 23 -0.06 5.67 9.56
CA ARG A 23 -0.20 6.84 8.70
C ARG A 23 1.10 7.13 7.96
N GLY A 24 2.23 6.85 8.61
CA GLY A 24 3.52 7.09 8.00
C GLY A 24 3.89 6.02 6.99
N SER A 25 3.58 4.77 7.32
CA SER A 25 3.89 3.66 6.44
C SER A 25 3.21 3.82 5.08
N LEU A 26 1.92 4.11 5.11
CA LEU A 26 1.14 4.29 3.89
C LEU A 26 1.78 5.35 3.00
N ALA A 27 2.10 6.50 3.58
CA ALA A 27 2.72 7.59 2.85
C ALA A 27 3.94 7.11 2.07
N VAL A 28 4.82 6.39 2.75
CA VAL A 28 6.02 5.86 2.11
C VAL A 28 5.68 5.03 0.89
N HIS A 29 4.50 4.42 0.90
CA HIS A 29 4.05 3.59 -0.20
C HIS A 29 3.27 4.42 -1.23
N GLU A 30 2.84 5.60 -0.80
CA GLU A 30 2.08 6.48 -1.68
C GLU A 30 3.00 7.46 -2.40
N ARG A 31 4.26 7.53 -1.95
CA ARG A 31 5.23 8.42 -2.55
C ARG A 31 6.15 7.66 -3.51
N LEU A 32 6.50 6.43 -3.12
CA LEU A 32 7.37 5.60 -3.95
C LEU A 32 6.65 5.14 -5.21
N HIS A 33 5.33 5.32 -5.23
CA HIS A 33 4.51 4.92 -6.38
C HIS A 33 5.06 5.54 -7.66
N THR A 34 5.50 6.79 -7.57
CA THR A 34 6.04 7.50 -8.72
C THR A 34 7.44 7.03 -9.05
N GLY A 35 7.66 6.63 -10.30
CA GLY A 35 8.98 6.16 -10.71
C GLY A 35 9.49 5.05 -9.84
N SER A 36 10.82 4.95 -9.71
CA SER A 36 11.44 3.92 -8.90
C SER A 36 11.12 2.53 -9.44
N GLY A 37 12.05 1.97 -10.20
CA GLY A 37 11.85 0.64 -10.76
C GLY A 37 12.68 0.41 -12.01
N PRO A 38 12.65 -0.83 -12.53
CA PRO A 38 13.40 -1.20 -13.72
C PRO A 38 12.85 -0.56 -14.99
N SER A 39 13.37 -0.97 -16.14
CA SER A 39 12.94 -0.42 -17.42
C SER A 39 11.59 -1.02 -17.82
N SER A 40 11.37 -2.27 -17.44
CA SER A 40 10.13 -2.96 -17.78
C SER A 40 9.11 -2.83 -16.64
N GLY A 41 9.42 -3.45 -15.51
CA GLY A 41 8.52 -3.39 -14.36
C GLY A 41 7.16 -3.98 -14.66
N GLY A 1 0.29 -14.90 -3.31
CA GLY A 1 1.34 -15.15 -2.32
C GLY A 1 0.77 -15.64 -0.99
N SER A 2 -0.33 -16.37 -1.06
CA SER A 2 -0.97 -16.90 0.14
C SER A 2 -1.46 -15.76 1.04
N SER A 3 -2.36 -16.08 1.97
CA SER A 3 -2.90 -15.09 2.88
C SER A 3 -2.33 -15.27 4.28
N GLY A 4 -2.10 -14.15 4.97
CA GLY A 4 -1.55 -14.21 6.32
C GLY A 4 -2.01 -13.04 7.17
N SER A 5 -3.18 -12.50 6.86
CA SER A 5 -3.73 -11.38 7.60
C SER A 5 -5.25 -11.48 7.72
N SER A 6 -5.83 -10.64 8.56
CA SER A 6 -7.28 -10.65 8.77
C SER A 6 -7.73 -9.34 9.42
N GLY A 7 -8.77 -8.74 8.87
CA GLY A 7 -9.28 -7.50 9.41
C GLY A 7 -8.87 -6.28 8.60
N GLU A 8 -9.82 -5.39 8.34
CA GLU A 8 -9.53 -4.19 7.57
C GLU A 8 -8.48 -3.32 8.27
N LYS A 9 -7.91 -2.38 7.54
CA LYS A 9 -6.90 -1.48 8.09
C LYS A 9 -7.38 -0.04 8.07
N PRO A 10 -6.80 0.79 8.96
CA PRO A 10 -7.16 2.21 9.06
C PRO A 10 -6.69 3.01 7.86
N TYR A 11 -5.80 2.42 7.07
CA TYR A 11 -5.28 3.09 5.89
C TYR A 11 -5.36 2.18 4.67
N GLN A 12 -5.56 2.79 3.50
CA GLN A 12 -5.66 2.04 2.25
C GLN A 12 -5.21 2.88 1.06
N CYS A 13 -4.31 2.34 0.26
CA CYS A 13 -3.80 3.03 -0.91
C CYS A 13 -4.88 3.18 -1.97
N LYS A 14 -4.94 4.36 -2.58
CA LYS A 14 -5.94 4.63 -3.62
C LYS A 14 -5.30 4.61 -5.00
N GLU A 15 -4.21 3.85 -5.14
CA GLU A 15 -3.50 3.75 -6.40
C GLU A 15 -3.44 2.30 -6.88
N CYS A 16 -3.33 1.38 -5.93
CA CYS A 16 -3.26 -0.04 -6.25
C CYS A 16 -4.28 -0.83 -5.43
N GLY A 17 -4.46 -0.44 -4.18
CA GLY A 17 -5.40 -1.11 -3.31
C GLY A 17 -4.74 -1.69 -2.07
N LYS A 18 -3.54 -1.22 -1.77
CA LYS A 18 -2.80 -1.69 -0.60
C LYS A 18 -3.43 -1.17 0.69
N SER A 19 -2.87 -1.60 1.82
CA SER A 19 -3.37 -1.18 3.12
C SER A 19 -2.27 -1.25 4.18
N PHE A 20 -2.19 -0.21 5.01
CA PHE A 20 -1.18 -0.16 6.06
C PHE A 20 -1.82 0.16 7.41
N SER A 21 -1.07 -0.07 8.48
CA SER A 21 -1.57 0.18 9.83
C SER A 21 -0.86 1.37 10.46
N GLN A 22 -0.24 2.19 9.62
CA GLN A 22 0.47 3.37 10.10
C GLN A 22 0.38 4.51 9.08
N ARG A 23 -0.04 5.68 9.55
CA ARG A 23 -0.18 6.84 8.69
C ARG A 23 1.12 7.12 7.94
N GLY A 24 2.24 6.87 8.59
CA GLY A 24 3.53 7.09 7.97
C GLY A 24 3.89 6.01 6.96
N SER A 25 3.59 4.77 7.31
CA SER A 25 3.89 3.64 6.43
C SER A 25 3.21 3.81 5.08
N LEU A 26 1.92 4.11 5.11
CA LEU A 26 1.14 4.29 3.89
C LEU A 26 1.78 5.36 3.00
N ALA A 27 2.09 6.51 3.59
CA ALA A 27 2.72 7.59 2.86
C ALA A 27 3.93 7.11 2.08
N VAL A 28 4.82 6.39 2.75
CA VAL A 28 6.03 5.86 2.12
C VAL A 28 5.68 5.03 0.89
N HIS A 29 4.51 4.42 0.91
CA HIS A 29 4.05 3.59 -0.20
C HIS A 29 3.28 4.42 -1.22
N GLU A 30 2.84 5.60 -0.80
CA GLU A 30 2.09 6.50 -1.68
C GLU A 30 3.01 7.46 -2.40
N ARG A 31 4.26 7.53 -1.95
CA ARG A 31 5.24 8.43 -2.54
C ARG A 31 6.15 7.66 -3.51
N LEU A 32 6.50 6.44 -3.13
CA LEU A 32 7.37 5.60 -3.95
C LEU A 32 6.65 5.14 -5.21
N HIS A 33 5.33 5.32 -5.23
CA HIS A 33 4.52 4.93 -6.38
C HIS A 33 5.06 5.54 -7.66
N THR A 34 5.42 6.82 -7.58
CA THR A 34 5.95 7.54 -8.74
C THR A 34 7.28 6.94 -9.19
N GLY A 35 7.59 7.09 -10.47
CA GLY A 35 8.83 6.56 -11.00
C GLY A 35 8.72 6.17 -12.47
N SER A 36 8.56 4.88 -12.72
CA SER A 36 8.44 4.37 -14.09
C SER A 36 7.39 3.27 -14.17
N GLY A 37 7.27 2.68 -15.36
CA GLY A 37 6.30 1.61 -15.54
C GLY A 37 6.45 0.93 -16.89
N PRO A 38 5.68 -0.15 -17.10
CA PRO A 38 5.71 -0.91 -18.36
C PRO A 38 5.10 -0.14 -19.52
N SER A 39 5.19 -0.71 -20.72
CA SER A 39 4.65 -0.07 -21.91
C SER A 39 3.13 0.02 -21.84
N SER A 40 2.51 -0.98 -21.21
CA SER A 40 1.06 -1.01 -21.09
C SER A 40 0.63 -0.61 -19.67
N GLY A 41 1.33 0.38 -19.11
CA GLY A 41 1.02 0.84 -17.77
C GLY A 41 -0.31 1.58 -17.72
N GLY A 1 7.17 -19.56 8.14
CA GLY A 1 6.73 -18.28 7.63
C GLY A 1 5.28 -18.29 7.18
N SER A 2 4.41 -17.77 8.03
CA SER A 2 2.99 -17.73 7.72
C SER A 2 2.45 -16.30 7.81
N SER A 3 2.46 -15.59 6.68
CA SER A 3 1.99 -14.22 6.63
C SER A 3 0.58 -14.15 6.03
N GLY A 4 -0.41 -13.91 6.89
CA GLY A 4 -1.78 -13.82 6.42
C GLY A 4 -2.56 -12.70 7.10
N SER A 5 -3.82 -12.55 6.71
CA SER A 5 -4.66 -11.50 7.28
C SER A 5 -6.08 -11.59 6.74
N SER A 6 -7.06 -11.27 7.58
CA SER A 6 -8.46 -11.33 7.18
C SER A 6 -9.25 -10.17 7.80
N GLY A 7 -8.57 -9.05 8.00
CA GLY A 7 -9.22 -7.89 8.59
C GLY A 7 -8.97 -6.63 7.80
N GLU A 8 -9.61 -5.53 8.22
CA GLU A 8 -9.45 -4.25 7.54
C GLU A 8 -8.41 -3.39 8.24
N LYS A 9 -7.87 -2.41 7.52
CA LYS A 9 -6.86 -1.51 8.06
C LYS A 9 -7.36 -0.07 8.05
N PRO A 10 -6.79 0.76 8.94
CA PRO A 10 -7.15 2.18 9.05
C PRO A 10 -6.68 2.99 7.84
N TYR A 11 -5.79 2.41 7.04
CA TYR A 11 -5.26 3.08 5.87
C TYR A 11 -5.35 2.17 4.65
N GLN A 12 -5.58 2.77 3.47
CA GLN A 12 -5.68 2.02 2.23
C GLN A 12 -5.24 2.87 1.05
N CYS A 13 -4.31 2.33 0.25
CA CYS A 13 -3.80 3.03 -0.91
C CYS A 13 -4.87 3.18 -1.98
N LYS A 14 -4.95 4.36 -2.58
CA LYS A 14 -5.94 4.63 -3.62
C LYS A 14 -5.29 4.62 -5.00
N GLU A 15 -4.21 3.86 -5.13
CA GLU A 15 -3.50 3.76 -6.41
C GLU A 15 -3.44 2.31 -6.88
N CYS A 16 -3.34 1.38 -5.92
CA CYS A 16 -3.28 -0.04 -6.25
C CYS A 16 -4.29 -0.83 -5.43
N GLY A 17 -4.47 -0.43 -4.17
CA GLY A 17 -5.42 -1.11 -3.30
C GLY A 17 -4.75 -1.69 -2.08
N LYS A 18 -3.55 -1.21 -1.76
CA LYS A 18 -2.80 -1.69 -0.60
C LYS A 18 -3.43 -1.17 0.69
N SER A 19 -2.86 -1.58 1.82
CA SER A 19 -3.37 -1.16 3.12
C SER A 19 -2.26 -1.24 4.18
N PHE A 20 -2.19 -0.21 5.01
CA PHE A 20 -1.18 -0.16 6.06
C PHE A 20 -1.82 0.16 7.41
N SER A 21 -1.06 -0.07 8.49
CA SER A 21 -1.56 0.19 9.83
C SER A 21 -0.85 1.37 10.47
N GLN A 22 -0.23 2.20 9.62
CA GLN A 22 0.49 3.37 10.09
C GLN A 22 0.39 4.51 9.09
N ARG A 23 -0.05 5.68 9.56
CA ARG A 23 -0.20 6.84 8.70
C ARG A 23 1.11 7.13 7.96
N GLY A 24 2.23 6.86 8.61
CA GLY A 24 3.52 7.09 8.00
C GLY A 24 3.90 6.03 6.99
N SER A 25 3.59 4.77 7.32
CA SER A 25 3.90 3.66 6.44
C SER A 25 3.22 3.82 5.09
N LEU A 26 1.92 4.12 5.12
CA LEU A 26 1.15 4.30 3.90
C LEU A 26 1.79 5.36 3.00
N ALA A 27 2.11 6.51 3.59
CA ALA A 27 2.72 7.59 2.86
C ALA A 27 3.95 7.11 2.07
N VAL A 28 4.82 6.39 2.75
CA VAL A 28 6.03 5.85 2.12
C VAL A 28 5.69 5.02 0.88
N HIS A 29 4.51 4.42 0.91
CA HIS A 29 4.05 3.59 -0.20
C HIS A 29 3.28 4.42 -1.22
N GLU A 30 2.84 5.61 -0.80
CA GLU A 30 2.09 6.50 -1.68
C GLU A 30 3.01 7.46 -2.40
N ARG A 31 4.26 7.53 -1.95
CA ARG A 31 5.25 8.42 -2.55
C ARG A 31 6.15 7.66 -3.51
N LEU A 32 6.50 6.43 -3.12
CA LEU A 32 7.37 5.59 -3.95
C LEU A 32 6.64 5.13 -5.21
N HIS A 33 5.33 5.32 -5.23
CA HIS A 33 4.51 4.92 -6.38
C HIS A 33 5.06 5.54 -7.66
N THR A 34 5.37 6.83 -7.60
CA THR A 34 5.90 7.55 -8.76
C THR A 34 7.28 7.02 -9.15
N GLY A 35 7.43 6.61 -10.40
CA GLY A 35 8.70 6.09 -10.87
C GLY A 35 8.53 5.03 -11.94
N SER A 36 9.28 3.94 -11.81
CA SER A 36 9.22 2.85 -12.77
C SER A 36 8.92 1.52 -12.08
N GLY A 37 9.89 1.04 -11.30
CA GLY A 37 9.73 -0.20 -10.59
C GLY A 37 11.05 -0.88 -10.30
N PRO A 38 10.98 -2.08 -9.68
CA PRO A 38 12.17 -2.85 -9.33
C PRO A 38 12.87 -3.42 -10.57
N SER A 39 13.87 -4.27 -10.33
CA SER A 39 14.62 -4.88 -11.42
C SER A 39 13.74 -5.80 -12.24
N SER A 40 12.79 -6.47 -11.58
CA SER A 40 11.88 -7.38 -12.25
C SER A 40 10.51 -6.75 -12.42
N GLY A 41 9.76 -6.65 -11.34
CA GLY A 41 8.43 -6.06 -11.38
C GLY A 41 7.51 -6.79 -12.34
N GLY A 1 3.30 -14.31 -1.93
CA GLY A 1 3.55 -13.23 -1.00
C GLY A 1 2.71 -13.34 0.26
N SER A 2 3.34 -13.75 1.36
CA SER A 2 2.64 -13.90 2.63
C SER A 2 1.42 -14.79 2.48
N SER A 3 0.60 -14.86 3.52
CA SER A 3 -0.60 -15.69 3.50
C SER A 3 -1.50 -15.36 4.68
N GLY A 4 -2.81 -15.31 4.44
CA GLY A 4 -3.76 -15.02 5.49
C GLY A 4 -4.39 -13.65 5.32
N SER A 5 -3.94 -12.68 6.11
CA SER A 5 -4.47 -11.33 6.05
C SER A 5 -5.98 -11.32 6.34
N SER A 6 -6.34 -11.16 7.61
CA SER A 6 -7.73 -11.15 8.01
C SER A 6 -8.04 -9.91 8.85
N GLY A 7 -8.78 -8.98 8.26
CA GLY A 7 -9.12 -7.76 8.96
C GLY A 7 -8.79 -6.51 8.16
N GLU A 8 -9.65 -5.49 8.28
CA GLU A 8 -9.44 -4.24 7.56
C GLU A 8 -8.40 -3.38 8.26
N LYS A 9 -7.86 -2.40 7.53
CA LYS A 9 -6.86 -1.50 8.09
C LYS A 9 -7.36 -0.06 8.07
N PRO A 10 -6.80 0.77 8.96
CA PRO A 10 -7.16 2.19 9.06
C PRO A 10 -6.69 3.01 7.86
N TYR A 11 -5.80 2.41 7.07
CA TYR A 11 -5.27 3.08 5.88
C TYR A 11 -5.36 2.18 4.66
N GLN A 12 -5.55 2.78 3.49
CA GLN A 12 -5.66 2.02 2.24
C GLN A 12 -5.22 2.88 1.06
N CYS A 13 -4.30 2.33 0.26
CA CYS A 13 -3.79 3.04 -0.91
C CYS A 13 -4.88 3.19 -1.98
N LYS A 14 -4.94 4.37 -2.58
CA LYS A 14 -5.93 4.64 -3.62
C LYS A 14 -5.29 4.62 -5.00
N GLU A 15 -4.20 3.87 -5.13
CA GLU A 15 -3.49 3.76 -6.40
C GLU A 15 -3.44 2.31 -6.88
N CYS A 16 -3.33 1.39 -5.93
CA CYS A 16 -3.27 -0.03 -6.24
C CYS A 16 -4.28 -0.82 -5.43
N GLY A 17 -4.47 -0.42 -4.17
CA GLY A 17 -5.41 -1.10 -3.30
C GLY A 17 -4.75 -1.69 -2.07
N LYS A 18 -3.55 -1.21 -1.76
CA LYS A 18 -2.81 -1.69 -0.60
C LYS A 18 -3.43 -1.17 0.69
N SER A 19 -2.88 -1.61 1.83
CA SER A 19 -3.38 -1.20 3.12
C SER A 19 -2.27 -1.26 4.18
N PHE A 20 -2.19 -0.22 5.00
CA PHE A 20 -1.18 -0.17 6.05
C PHE A 20 -1.81 0.14 7.40
N SER A 21 -1.06 -0.09 8.47
CA SER A 21 -1.55 0.16 9.82
C SER A 21 -0.82 1.35 10.45
N GLN A 22 -0.25 2.19 9.61
CA GLN A 22 0.47 3.37 10.08
C GLN A 22 0.38 4.51 9.07
N ARG A 23 -0.05 5.68 9.53
CA ARG A 23 -0.18 6.84 8.66
C ARG A 23 1.12 7.11 7.91
N GLY A 24 2.24 6.91 8.61
CA GLY A 24 3.54 7.13 8.00
C GLY A 24 3.91 6.05 7.00
N SER A 25 3.59 4.81 7.33
CA SER A 25 3.90 3.69 6.45
C SER A 25 3.21 3.84 5.10
N LEU A 26 1.91 4.11 5.12
CA LEU A 26 1.14 4.29 3.90
C LEU A 26 1.78 5.35 3.00
N ALA A 27 2.09 6.50 3.60
CA ALA A 27 2.71 7.60 2.86
C ALA A 27 3.92 7.11 2.07
N VAL A 28 4.81 6.38 2.76
CA VAL A 28 6.01 5.86 2.12
C VAL A 28 5.68 5.02 0.90
N HIS A 29 4.49 4.41 0.91
CA HIS A 29 4.05 3.59 -0.20
C HIS A 29 3.27 4.41 -1.22
N GLU A 30 2.83 5.60 -0.80
CA GLU A 30 2.08 6.48 -1.68
C GLU A 30 3.01 7.45 -2.41
N ARG A 31 4.25 7.52 -1.95
CA ARG A 31 5.23 8.41 -2.54
C ARG A 31 6.15 7.65 -3.50
N LEU A 32 6.50 6.43 -3.12
CA LEU A 32 7.37 5.59 -3.94
C LEU A 32 6.65 5.13 -5.20
N HIS A 33 5.33 5.31 -5.22
CA HIS A 33 4.52 4.91 -6.37
C HIS A 33 5.07 5.53 -7.66
N THR A 34 5.40 6.82 -7.60
CA THR A 34 5.93 7.52 -8.76
C THR A 34 7.34 7.05 -9.10
N GLY A 35 7.67 7.04 -10.38
CA GLY A 35 8.98 6.61 -10.82
C GLY A 35 8.92 5.68 -12.02
N SER A 36 9.83 4.73 -12.07
CA SER A 36 9.89 3.77 -13.17
C SER A 36 8.84 2.67 -12.99
N GLY A 37 7.97 2.52 -13.98
CA GLY A 37 6.94 1.50 -13.91
C GLY A 37 7.25 0.29 -14.76
N PRO A 38 6.25 -0.58 -14.96
CA PRO A 38 6.41 -1.79 -15.75
C PRO A 38 6.57 -1.50 -17.24
N SER A 39 6.53 -2.55 -18.06
CA SER A 39 6.67 -2.40 -19.50
C SER A 39 5.69 -1.37 -20.04
N SER A 40 6.18 -0.16 -20.32
CA SER A 40 5.35 0.91 -20.84
C SER A 40 4.27 1.29 -19.84
N GLY A 41 4.50 0.97 -18.57
CA GLY A 41 3.54 1.28 -17.53
C GLY A 41 2.14 0.80 -17.86
N GLY A 1 2.42 -16.00 10.89
CA GLY A 1 1.75 -16.46 9.68
C GLY A 1 0.41 -17.13 9.97
N SER A 2 -0.47 -16.39 10.65
CA SER A 2 -1.78 -16.92 10.99
C SER A 2 -2.65 -17.09 9.75
N SER A 3 -3.19 -18.30 9.56
CA SER A 3 -4.03 -18.59 8.41
C SER A 3 -5.50 -18.61 8.81
N GLY A 4 -5.84 -17.84 9.84
CA GLY A 4 -7.22 -17.79 10.29
C GLY A 4 -7.59 -16.44 10.87
N SER A 5 -6.88 -15.39 10.43
CA SER A 5 -7.14 -14.04 10.91
C SER A 5 -7.18 -13.05 9.74
N SER A 6 -8.28 -12.32 9.64
CA SER A 6 -8.45 -11.33 8.57
C SER A 6 -9.21 -10.11 9.08
N GLY A 7 -8.78 -8.94 8.63
CA GLY A 7 -9.43 -7.70 9.03
C GLY A 7 -9.03 -6.52 8.18
N GLU A 8 -9.77 -5.42 8.30
CA GLU A 8 -9.48 -4.22 7.53
C GLU A 8 -8.45 -3.34 8.24
N LYS A 9 -7.88 -2.40 7.51
CA LYS A 9 -6.88 -1.50 8.06
C LYS A 9 -7.36 -0.05 8.03
N PRO A 10 -6.81 0.78 8.92
CA PRO A 10 -7.18 2.20 9.02
C PRO A 10 -6.70 3.00 7.82
N TYR A 11 -5.79 2.41 7.04
CA TYR A 11 -5.26 3.08 5.87
C TYR A 11 -5.34 2.17 4.63
N GLN A 12 -5.58 2.77 3.47
CA GLN A 12 -5.68 2.02 2.23
C GLN A 12 -5.23 2.86 1.05
N CYS A 13 -4.30 2.32 0.26
CA CYS A 13 -3.80 3.03 -0.91
C CYS A 13 -4.87 3.18 -1.98
N LYS A 14 -4.95 4.36 -2.58
CA LYS A 14 -5.94 4.63 -3.62
C LYS A 14 -5.29 4.62 -5.00
N GLU A 15 -4.21 3.86 -5.13
CA GLU A 15 -3.50 3.75 -6.40
C GLU A 15 -3.45 2.31 -6.88
N CYS A 16 -3.34 1.38 -5.93
CA CYS A 16 -3.28 -0.04 -6.25
C CYS A 16 -4.29 -0.83 -5.43
N GLY A 17 -4.47 -0.43 -4.18
CA GLY A 17 -5.42 -1.11 -3.30
C GLY A 17 -4.74 -1.69 -2.07
N LYS A 18 -3.55 -1.21 -1.76
CA LYS A 18 -2.81 -1.68 -0.60
C LYS A 18 -3.43 -1.18 0.69
N SER A 19 -2.86 -1.58 1.82
CA SER A 19 -3.38 -1.17 3.12
C SER A 19 -2.28 -1.25 4.18
N PHE A 20 -2.19 -0.21 5.01
CA PHE A 20 -1.18 -0.16 6.06
C PHE A 20 -1.83 0.15 7.41
N SER A 21 -1.07 -0.07 8.48
CA SER A 21 -1.57 0.18 9.83
C SER A 21 -0.86 1.38 10.46
N GLN A 22 -0.23 2.20 9.62
CA GLN A 22 0.48 3.38 10.10
C GLN A 22 0.38 4.51 9.09
N ARG A 23 -0.06 5.68 9.55
CA ARG A 23 -0.20 6.84 8.69
C ARG A 23 1.10 7.14 7.95
N GLY A 24 2.22 6.87 8.62
CA GLY A 24 3.51 7.11 8.01
C GLY A 24 3.89 6.04 7.01
N SER A 25 3.60 4.79 7.34
CA SER A 25 3.93 3.67 6.45
C SER A 25 3.24 3.83 5.10
N LEU A 26 1.94 4.12 5.14
CA LEU A 26 1.17 4.30 3.91
C LEU A 26 1.80 5.36 3.02
N ALA A 27 2.13 6.51 3.59
CA ALA A 27 2.74 7.60 2.85
C ALA A 27 3.95 7.10 2.07
N VAL A 28 4.84 6.37 2.75
CA VAL A 28 6.04 5.84 2.11
C VAL A 28 5.69 5.01 0.88
N HIS A 29 4.51 4.41 0.90
CA HIS A 29 4.05 3.58 -0.22
C HIS A 29 3.28 4.42 -1.22
N GLU A 30 2.84 5.60 -0.80
CA GLU A 30 2.08 6.49 -1.67
C GLU A 30 3.01 7.46 -2.40
N ARG A 31 4.26 7.54 -1.94
CA ARG A 31 5.24 8.43 -2.54
C ARG A 31 6.15 7.66 -3.51
N LEU A 32 6.51 6.42 -3.13
CA LEU A 32 7.36 5.60 -3.96
C LEU A 32 6.64 5.14 -5.22
N HIS A 33 5.31 5.32 -5.23
CA HIS A 33 4.50 4.93 -6.38
C HIS A 33 5.04 5.56 -7.66
N THR A 34 5.56 6.78 -7.55
CA THR A 34 6.11 7.48 -8.70
C THR A 34 7.51 6.99 -9.04
N GLY A 35 7.87 7.05 -10.32
CA GLY A 35 9.18 6.61 -10.75
C GLY A 35 9.11 5.35 -11.60
N SER A 36 9.27 4.20 -10.95
CA SER A 36 9.23 2.93 -11.65
C SER A 36 7.88 2.70 -12.31
N GLY A 37 7.89 2.11 -13.51
CA GLY A 37 6.66 1.86 -14.23
C GLY A 37 6.90 1.36 -15.64
N PRO A 38 7.36 0.10 -15.75
CA PRO A 38 7.65 -0.52 -17.05
C PRO A 38 6.37 -0.81 -17.85
N SER A 39 6.54 -1.45 -18.99
CA SER A 39 5.40 -1.79 -19.85
C SER A 39 4.36 -2.58 -19.07
N SER A 40 4.80 -3.59 -18.34
CA SER A 40 3.91 -4.44 -17.55
C SER A 40 3.55 -3.77 -16.24
N GLY A 41 4.52 -3.72 -15.32
CA GLY A 41 4.29 -3.11 -14.03
C GLY A 41 3.47 -4.00 -13.10
N GLY A 1 -7.01 -23.44 17.43
CA GLY A 1 -8.13 -22.53 17.64
C GLY A 1 -7.84 -21.14 17.12
N SER A 2 -8.03 -20.13 17.97
CA SER A 2 -7.80 -18.75 17.59
C SER A 2 -6.35 -18.53 17.18
N SER A 3 -6.11 -18.49 15.87
CA SER A 3 -4.77 -18.30 15.35
C SER A 3 -4.42 -16.81 15.29
N GLY A 4 -5.43 -15.98 15.10
CA GLY A 4 -5.21 -14.55 15.03
C GLY A 4 -6.32 -13.83 14.30
N SER A 5 -6.19 -12.51 14.16
CA SER A 5 -7.19 -11.71 13.47
C SER A 5 -6.67 -10.29 13.21
N SER A 6 -6.71 -9.88 11.94
CA SER A 6 -6.23 -8.56 11.56
C SER A 6 -7.39 -7.69 11.08
N GLY A 7 -8.13 -8.17 10.09
CA GLY A 7 -9.25 -7.43 9.55
C GLY A 7 -8.81 -6.22 8.76
N GLU A 8 -9.78 -5.40 8.34
CA GLU A 8 -9.50 -4.21 7.56
C GLU A 8 -8.47 -3.33 8.26
N LYS A 9 -7.88 -2.40 7.52
CA LYS A 9 -6.88 -1.49 8.08
C LYS A 9 -7.37 -0.05 8.05
N PRO A 10 -6.82 0.78 8.93
CA PRO A 10 -7.19 2.20 9.03
C PRO A 10 -6.70 3.00 7.83
N TYR A 11 -5.81 2.41 7.04
CA TYR A 11 -5.27 3.07 5.86
C TYR A 11 -5.35 2.16 4.64
N GLN A 12 -5.56 2.77 3.47
CA GLN A 12 -5.66 2.02 2.23
C GLN A 12 -5.22 2.86 1.04
N CYS A 13 -4.29 2.33 0.26
CA CYS A 13 -3.78 3.04 -0.92
C CYS A 13 -4.86 3.18 -1.97
N LYS A 14 -4.94 4.36 -2.57
CA LYS A 14 -5.93 4.63 -3.61
C LYS A 14 -5.29 4.62 -4.99
N GLU A 15 -4.20 3.86 -5.13
CA GLU A 15 -3.51 3.76 -6.40
C GLU A 15 -3.45 2.31 -6.88
N CYS A 16 -3.34 1.39 -5.93
CA CYS A 16 -3.28 -0.04 -6.25
C CYS A 16 -4.30 -0.83 -5.42
N GLY A 17 -4.47 -0.43 -4.17
CA GLY A 17 -5.41 -1.11 -3.30
C GLY A 17 -4.75 -1.68 -2.07
N LYS A 18 -3.55 -1.20 -1.77
CA LYS A 18 -2.80 -1.68 -0.61
C LYS A 18 -3.44 -1.19 0.70
N SER A 19 -2.85 -1.58 1.83
CA SER A 19 -3.36 -1.19 3.13
C SER A 19 -2.27 -1.26 4.18
N PHE A 20 -2.18 -0.22 5.01
CA PHE A 20 -1.18 -0.16 6.06
C PHE A 20 -1.82 0.16 7.41
N SER A 21 -1.07 -0.07 8.48
CA SER A 21 -1.57 0.18 9.83
C SER A 21 -0.86 1.38 10.46
N GLN A 22 -0.23 2.20 9.62
CA GLN A 22 0.47 3.38 10.09
C GLN A 22 0.38 4.52 9.08
N ARG A 23 -0.07 5.68 9.55
CA ARG A 23 -0.21 6.85 8.68
C ARG A 23 1.10 7.13 7.94
N GLY A 24 2.22 6.87 8.60
CA GLY A 24 3.51 7.11 7.99
C GLY A 24 3.88 6.04 6.98
N SER A 25 3.60 4.78 7.33
CA SER A 25 3.92 3.66 6.45
C SER A 25 3.23 3.82 5.10
N LEU A 26 1.93 4.12 5.13
CA LEU A 26 1.16 4.30 3.91
C LEU A 26 1.79 5.36 3.01
N ALA A 27 2.12 6.50 3.59
CA ALA A 27 2.74 7.59 2.85
C ALA A 27 3.95 7.10 2.07
N VAL A 28 4.83 6.37 2.75
CA VAL A 28 6.04 5.84 2.11
C VAL A 28 5.69 5.01 0.88
N HIS A 29 4.51 4.41 0.90
CA HIS A 29 4.06 3.58 -0.21
C HIS A 29 3.28 4.42 -1.22
N GLU A 30 2.84 5.60 -0.80
CA GLU A 30 2.08 6.49 -1.67
C GLU A 30 3.01 7.46 -2.40
N ARG A 31 4.25 7.52 -1.94
CA ARG A 31 5.24 8.43 -2.54
C ARG A 31 6.15 7.66 -3.51
N LEU A 32 6.50 6.43 -3.12
CA LEU A 32 7.36 5.60 -3.96
C LEU A 32 6.64 5.14 -5.23
N HIS A 33 5.31 5.32 -5.23
CA HIS A 33 4.50 4.93 -6.38
C HIS A 33 5.04 5.56 -7.66
N THR A 34 5.42 6.83 -7.59
CA THR A 34 5.95 7.54 -8.74
C THR A 34 7.36 7.08 -9.07
N GLY A 35 7.56 6.63 -10.31
CA GLY A 35 8.87 6.16 -10.73
C GLY A 35 9.15 4.74 -10.27
N SER A 36 9.79 3.97 -11.14
CA SER A 36 10.12 2.58 -10.83
C SER A 36 8.87 1.80 -10.48
N GLY A 37 8.30 1.13 -11.49
CA GLY A 37 7.10 0.34 -11.27
C GLY A 37 7.37 -1.15 -11.28
N PRO A 38 6.31 -1.95 -11.12
CA PRO A 38 6.42 -3.41 -11.10
C PRO A 38 6.77 -3.99 -12.46
N SER A 39 6.10 -3.51 -13.51
CA SER A 39 6.34 -3.98 -14.86
C SER A 39 5.87 -2.95 -15.89
N SER A 40 4.59 -2.60 -15.83
CA SER A 40 4.02 -1.63 -16.75
C SER A 40 3.73 -0.31 -16.04
N GLY A 41 3.47 -0.39 -14.73
CA GLY A 41 3.17 0.80 -13.95
C GLY A 41 1.96 1.54 -14.48
N GLY A 1 -1.06 -17.82 6.62
CA GLY A 1 0.34 -18.12 6.72
C GLY A 1 1.18 -16.90 7.06
N SER A 2 1.82 -16.32 6.05
CA SER A 2 2.66 -15.15 6.26
C SER A 2 2.10 -13.95 5.50
N SER A 3 1.70 -14.17 4.25
CA SER A 3 1.16 -13.11 3.43
C SER A 3 -0.31 -12.85 3.77
N GLY A 4 -1.04 -13.92 4.07
CA GLY A 4 -2.45 -13.79 4.41
C GLY A 4 -2.66 -13.01 5.69
N SER A 5 -3.46 -11.95 5.61
CA SER A 5 -3.74 -11.12 6.77
C SER A 5 -5.18 -10.62 6.75
N SER A 6 -6.09 -11.44 7.28
CA SER A 6 -7.50 -11.10 7.32
C SER A 6 -7.75 -9.94 8.29
N GLY A 7 -8.57 -8.98 7.85
CA GLY A 7 -8.87 -7.83 8.68
C GLY A 7 -8.65 -6.52 7.96
N GLU A 8 -9.54 -5.56 8.19
CA GLU A 8 -9.45 -4.26 7.56
C GLU A 8 -8.41 -3.39 8.25
N LYS A 9 -7.88 -2.41 7.52
CA LYS A 9 -6.86 -1.51 8.08
C LYS A 9 -7.36 -0.06 8.06
N PRO A 10 -6.80 0.77 8.94
CA PRO A 10 -7.16 2.18 9.05
C PRO A 10 -6.69 2.99 7.85
N TYR A 11 -5.81 2.41 7.06
CA TYR A 11 -5.28 3.07 5.87
C TYR A 11 -5.36 2.17 4.65
N GLN A 12 -5.56 2.78 3.49
CA GLN A 12 -5.67 2.02 2.24
C GLN A 12 -5.21 2.87 1.05
N CYS A 13 -4.29 2.33 0.26
CA CYS A 13 -3.79 3.04 -0.91
C CYS A 13 -4.87 3.19 -1.97
N LYS A 14 -4.94 4.37 -2.58
CA LYS A 14 -5.93 4.63 -3.61
C LYS A 14 -5.29 4.62 -5.00
N GLU A 15 -4.20 3.86 -5.13
CA GLU A 15 -3.49 3.76 -6.40
C GLU A 15 -3.44 2.31 -6.88
N CYS A 16 -3.33 1.39 -5.93
CA CYS A 16 -3.27 -0.03 -6.24
C CYS A 16 -4.28 -0.83 -5.42
N GLY A 17 -4.46 -0.42 -4.18
CA GLY A 17 -5.41 -1.10 -3.30
C GLY A 17 -4.75 -1.68 -2.07
N LYS A 18 -3.55 -1.21 -1.76
CA LYS A 18 -2.81 -1.69 -0.60
C LYS A 18 -3.43 -1.18 0.70
N SER A 19 -2.86 -1.59 1.83
CA SER A 19 -3.36 -1.19 3.13
C SER A 19 -2.27 -1.25 4.18
N PHE A 20 -2.19 -0.21 5.01
CA PHE A 20 -1.18 -0.16 6.06
C PHE A 20 -1.82 0.16 7.41
N SER A 21 -1.06 -0.07 8.49
CA SER A 21 -1.56 0.19 9.83
C SER A 21 -0.85 1.38 10.46
N GLN A 22 -0.23 2.20 9.62
CA GLN A 22 0.50 3.38 10.09
C GLN A 22 0.40 4.51 9.08
N ARG A 23 -0.06 5.68 9.55
CA ARG A 23 -0.20 6.84 8.69
C ARG A 23 1.10 7.13 7.95
N GLY A 24 2.22 6.86 8.60
CA GLY A 24 3.52 7.10 7.99
C GLY A 24 3.89 6.03 6.98
N SER A 25 3.58 4.77 7.32
CA SER A 25 3.89 3.66 6.44
C SER A 25 3.20 3.82 5.08
N LEU A 26 1.91 4.11 5.11
CA LEU A 26 1.14 4.29 3.89
C LEU A 26 1.78 5.36 3.00
N ALA A 27 2.10 6.50 3.58
CA ALA A 27 2.72 7.59 2.85
C ALA A 27 3.94 7.11 2.07
N VAL A 28 4.82 6.39 2.75
CA VAL A 28 6.03 5.86 2.12
C VAL A 28 5.68 5.03 0.89
N HIS A 29 4.51 4.42 0.91
CA HIS A 29 4.05 3.59 -0.20
C HIS A 29 3.28 4.42 -1.22
N GLU A 30 2.84 5.60 -0.80
CA GLU A 30 2.08 6.48 -1.68
C GLU A 30 3.01 7.45 -2.41
N ARG A 31 4.26 7.53 -1.95
CA ARG A 31 5.23 8.42 -2.55
C ARG A 31 6.15 7.66 -3.51
N LEU A 32 6.50 6.43 -3.12
CA LEU A 32 7.37 5.60 -3.95
C LEU A 32 6.65 5.14 -5.21
N HIS A 33 5.33 5.32 -5.23
CA HIS A 33 4.52 4.92 -6.37
C HIS A 33 5.07 5.54 -7.66
N THR A 34 5.41 6.82 -7.59
CA THR A 34 5.94 7.53 -8.76
C THR A 34 7.30 6.96 -9.17
N GLY A 35 7.51 6.85 -10.48
CA GLY A 35 8.76 6.33 -10.97
C GLY A 35 8.58 5.48 -12.22
N SER A 36 8.07 4.26 -12.03
CA SER A 36 7.85 3.34 -13.14
C SER A 36 6.45 3.52 -13.72
N GLY A 37 6.38 3.59 -15.04
CA GLY A 37 5.10 3.76 -15.71
C GLY A 37 5.11 3.26 -17.14
N PRO A 38 5.23 1.94 -17.31
CA PRO A 38 5.26 1.31 -18.62
C PRO A 38 3.92 1.37 -19.33
N SER A 39 3.81 0.70 -20.47
CA SER A 39 2.58 0.68 -21.25
C SER A 39 1.51 -0.15 -20.55
N SER A 40 1.95 -1.15 -19.79
CA SER A 40 1.03 -2.03 -19.07
C SER A 40 0.86 -1.57 -17.62
N GLY A 41 1.90 -1.78 -16.81
CA GLY A 41 1.84 -1.39 -15.41
C GLY A 41 0.91 -2.26 -14.60
#